data_1QCO
#
_entry.id   1QCO
#
_cell.length_a   64.640
_cell.length_b   110.940
_cell.length_c   67.810
_cell.angle_alpha   90.00
_cell.angle_beta   102.52
_cell.angle_gamma   90.00
#
_symmetry.space_group_name_H-M   'P 1 21 1'
#
loop_
_entity.id
_entity.type
_entity.pdbx_description
1 polymer 'FUMARYLACETOACETATE HYDROLASE'
2 non-polymer 'CALCIUM ION'
3 non-polymer 'NICKEL (II) ION'
4 non-polymer 'FUMARIC ACID'
5 non-polymer 'ACETOACETIC ACID'
6 water water
#
_entity_poly.entity_id   1
_entity_poly.type   'polypeptide(L)'
_entity_poly.pdbx_seq_one_letter_code
;GSMSFIPVAEDSDFPIQNLPYGVFSTQSNPKPRIGVAIGDQILDLSVIKHLFTGPALSKHQHVFDETTLNNFMGLGQAAW
KEARASLQNLLSASQARLRDDKELRQRAFTSQASATMHLPATIGDYTDFYSSRQHATNVGIMFRGKENALLPNWLHLPVG
YHGRASSIVVSGTPIRRPMGQMRPDNSKPPVYGACRLLDMELEMAFFVGPGNRFGEPIPISKAHEHIFGMVLMNDWSARD
IQQWEYVPLGPFLGKSFGTTISPWVVPMDALMPFVVPNPKQDPKPLPYLCHSQPYTFDINLSVSLKGEGMSQAATICRSN
FKHMYWTMLQQLTHHSVNGCNLRPGDLLASGTISGSDPESFGSMLELSWKGTKAIDVGQGQTRTFLLDGDEVIITGHCQG
DGYRVGFGQCAGKVLPALSPAGS
;
_entity_poly.pdbx_strand_id   A,B
#
loop_
_chem_comp.id
_chem_comp.type
_chem_comp.name
_chem_comp.formula
AAE non-polymer 'ACETOACETIC ACID' 'C4 H6 O3'
CA non-polymer 'CALCIUM ION' 'Ca 2'
FUM non-polymer 'FUMARIC ACID' 'C4 H4 O4'
NI non-polymer 'NICKEL (II) ION' 'Ni 2'
#
# COMPACT_ATOMS: atom_id res chain seq x y z
N MET A 3 -32.67 21.19 -14.41
CA MET A 3 -32.95 21.39 -12.96
C MET A 3 -33.71 20.17 -12.44
N SER A 4 -33.64 19.95 -11.13
CA SER A 4 -34.29 18.81 -10.50
C SER A 4 -35.56 19.22 -9.76
N PHE A 5 -36.39 18.23 -9.41
CA PHE A 5 -37.59 18.50 -8.64
C PHE A 5 -37.17 18.69 -7.19
N ILE A 6 -35.92 18.33 -6.90
CA ILE A 6 -35.34 18.51 -5.58
C ILE A 6 -34.80 19.94 -5.62
N PRO A 7 -35.20 20.77 -4.67
CA PRO A 7 -34.72 22.15 -4.63
C PRO A 7 -33.20 22.22 -4.42
N VAL A 8 -32.53 23.09 -5.17
CA VAL A 8 -31.09 23.22 -5.05
C VAL A 8 -30.72 24.69 -4.94
N ALA A 9 -30.13 25.08 -3.82
CA ALA A 9 -29.72 26.46 -3.63
C ALA A 9 -28.76 26.85 -4.74
N GLU A 10 -28.80 28.12 -5.15
CA GLU A 10 -27.95 28.60 -6.23
C GLU A 10 -26.44 28.40 -5.99
N ASP A 11 -26.01 28.50 -4.74
CA ASP A 11 -24.60 28.32 -4.41
C ASP A 11 -24.26 26.91 -3.90
N SER A 12 -25.12 25.96 -4.21
CA SER A 12 -24.94 24.58 -3.77
C SER A 12 -23.81 23.90 -4.53
N ASP A 13 -23.06 23.07 -3.82
CA ASP A 13 -21.98 22.31 -4.43
C ASP A 13 -22.56 21.17 -5.24
N PHE A 14 -23.82 20.84 -4.95
CA PHE A 14 -24.46 19.71 -5.56
C PHE A 14 -25.66 19.88 -6.49
N PRO A 15 -25.49 20.59 -7.61
CA PRO A 15 -26.61 20.77 -8.54
C PRO A 15 -26.76 19.48 -9.36
N ILE A 16 -27.73 19.44 -10.25
CA ILE A 16 -27.94 18.24 -11.07
C ILE A 16 -26.76 17.97 -12.03
N GLN A 17 -25.93 18.99 -12.25
CA GLN A 17 -24.77 18.88 -13.12
C GLN A 17 -23.60 18.16 -12.45
N ASN A 18 -23.66 18.00 -11.13
CA ASN A 18 -22.58 17.34 -10.40
C ASN A 18 -22.85 15.86 -10.22
N LEU A 19 -23.66 15.52 -9.22
CA LEU A 19 -24.02 14.15 -8.90
C LEU A 19 -22.85 13.25 -8.48
N PRO A 20 -22.18 13.60 -7.37
CA PRO A 20 -21.05 12.80 -6.89
C PRO A 20 -21.54 11.56 -6.14
N TYR A 21 -20.69 10.55 -6.03
CA TYR A 21 -21.03 9.30 -5.33
C TYR A 21 -20.35 9.27 -3.98
N GLY A 22 -21.02 8.69 -2.99
CA GLY A 22 -20.45 8.58 -1.66
C GLY A 22 -21.06 7.44 -0.90
N VAL A 23 -20.48 7.11 0.25
CA VAL A 23 -20.97 6.04 1.10
C VAL A 23 -21.39 6.70 2.41
N PHE A 24 -22.66 6.50 2.78
CA PHE A 24 -23.20 7.12 3.99
C PHE A 24 -24.02 6.14 4.80
N SER A 25 -24.39 6.57 6.01
CA SER A 25 -25.24 5.79 6.89
C SER A 25 -26.03 6.82 7.73
N THR A 26 -27.04 6.35 8.44
CA THR A 26 -27.89 7.21 9.26
C THR A 26 -28.17 6.47 10.58
N GLN A 27 -28.74 7.18 11.56
CA GLN A 27 -29.06 6.57 12.84
C GLN A 27 -30.07 5.45 12.63
N SER A 28 -31.07 5.69 11.77
CA SER A 28 -32.10 4.70 11.48
C SER A 28 -31.48 3.44 10.89
N ASN A 29 -30.64 3.62 9.88
CA ASN A 29 -29.99 2.50 9.23
C ASN A 29 -28.47 2.73 9.27
N PRO A 30 -27.78 2.05 10.19
CA PRO A 30 -26.33 2.17 10.37
C PRO A 30 -25.49 1.48 9.28
N LYS A 31 -26.14 0.67 8.43
CA LYS A 31 -25.44 -0.03 7.36
C LYS A 31 -24.98 0.97 6.30
N PRO A 32 -23.66 1.05 6.04
CA PRO A 32 -23.15 1.99 5.04
C PRO A 32 -23.67 1.61 3.67
N ARG A 33 -24.12 2.59 2.91
CA ARG A 33 -24.66 2.33 1.58
C ARG A 33 -24.30 3.45 0.62
N ILE A 34 -24.46 3.19 -0.66
CA ILE A 34 -24.12 4.14 -1.70
C ILE A 34 -25.18 5.20 -1.99
N GLY A 35 -24.76 6.45 -2.00
CA GLY A 35 -25.70 7.53 -2.29
C GLY A 35 -25.11 8.58 -3.22
N VAL A 36 -25.99 9.42 -3.75
CA VAL A 36 -25.60 10.50 -4.64
C VAL A 36 -26.08 11.81 -4.03
N ALA A 37 -25.21 12.82 -3.98
CA ALA A 37 -25.59 14.10 -3.40
C ALA A 37 -26.36 14.97 -4.40
N ILE A 38 -27.44 15.58 -3.94
CA ILE A 38 -28.27 16.47 -4.77
C ILE A 38 -28.87 17.51 -3.81
N GLY A 39 -28.51 18.77 -4.02
CA GLY A 39 -28.98 19.82 -3.12
C GLY A 39 -28.39 19.51 -1.76
N ASP A 40 -29.22 19.51 -0.71
CA ASP A 40 -28.73 19.17 0.62
C ASP A 40 -29.25 17.78 1.03
N GLN A 41 -29.63 17.01 0.02
CA GLN A 41 -30.16 15.65 0.21
C GLN A 41 -29.16 14.62 -0.30
N ILE A 42 -29.48 13.36 -0.05
CA ILE A 42 -28.69 12.22 -0.50
C ILE A 42 -29.70 11.22 -1.08
N LEU A 43 -29.47 10.80 -2.32
CA LEU A 43 -30.32 9.82 -2.98
C LEU A 43 -29.67 8.45 -2.72
N ASP A 44 -30.42 7.57 -2.06
CA ASP A 44 -29.96 6.24 -1.71
C ASP A 44 -30.09 5.30 -2.92
N LEU A 45 -28.95 4.94 -3.51
CA LEU A 45 -28.97 4.07 -4.67
C LEU A 45 -29.38 2.63 -4.38
N SER A 46 -29.23 2.16 -3.15
CA SER A 46 -29.64 0.80 -2.83
C SER A 46 -31.18 0.72 -2.85
N VAL A 47 -31.83 1.85 -2.56
CA VAL A 47 -33.28 1.91 -2.56
C VAL A 47 -33.83 1.90 -3.99
N ILE A 48 -33.19 2.64 -4.88
CA ILE A 48 -33.64 2.72 -6.26
C ILE A 48 -32.86 1.86 -7.26
N LYS A 49 -32.12 0.87 -6.78
CA LYS A 49 -31.32 0.03 -7.66
C LYS A 49 -32.08 -0.61 -8.81
N HIS A 50 -33.36 -0.92 -8.61
CA HIS A 50 -34.17 -1.54 -9.66
C HIS A 50 -34.47 -0.64 -10.84
N LEU A 51 -34.31 0.66 -10.65
CA LEU A 51 -34.58 1.63 -11.71
C LEU A 51 -33.50 1.70 -12.80
N PHE A 52 -32.35 1.07 -12.55
CA PHE A 52 -31.28 1.05 -13.54
C PHE A 52 -31.54 -0.13 -14.46
N THR A 53 -32.34 0.11 -15.49
CA THR A 53 -32.71 -0.93 -16.44
C THR A 53 -31.91 -1.00 -17.74
N GLY A 54 -30.99 -0.04 -17.94
CA GLY A 54 -30.19 -0.04 -19.15
C GLY A 54 -29.40 -1.33 -19.36
N PRO A 55 -28.86 -1.54 -20.58
CA PRO A 55 -28.09 -2.74 -20.91
C PRO A 55 -26.83 -3.01 -20.09
N ALA A 56 -26.14 -1.95 -19.67
CA ALA A 56 -24.91 -2.11 -18.90
C ALA A 56 -25.12 -2.42 -17.42
N LEU A 57 -26.24 -1.96 -16.86
CA LEU A 57 -26.52 -2.13 -15.45
C LEU A 57 -27.62 -3.12 -15.04
N SER A 58 -28.55 -3.44 -15.94
CA SER A 58 -29.65 -4.34 -15.60
C SER A 58 -29.23 -5.65 -14.94
N LYS A 59 -28.09 -6.20 -15.35
CA LYS A 59 -27.61 -7.45 -14.79
C LYS A 59 -26.57 -7.25 -13.68
N HIS A 60 -26.32 -6.01 -13.30
CA HIS A 60 -25.34 -5.70 -12.26
C HIS A 60 -25.90 -4.74 -11.20
N GLN A 61 -27.21 -4.76 -11.00
CA GLN A 61 -27.83 -3.87 -10.03
C GLN A 61 -27.32 -4.09 -8.61
N HIS A 62 -26.75 -5.26 -8.35
CA HIS A 62 -26.24 -5.55 -7.03
C HIS A 62 -25.06 -4.69 -6.59
N VAL A 63 -24.37 -4.06 -7.55
CA VAL A 63 -23.23 -3.21 -7.18
C VAL A 63 -23.70 -2.05 -6.30
N PHE A 64 -24.98 -1.73 -6.38
CA PHE A 64 -25.56 -0.65 -5.59
C PHE A 64 -25.99 -1.07 -4.17
N ASP A 65 -25.80 -2.35 -3.85
CA ASP A 65 -26.13 -2.86 -2.53
C ASP A 65 -24.84 -3.02 -1.72
N GLU A 66 -23.71 -2.71 -2.35
CA GLU A 66 -22.40 -2.83 -1.68
C GLU A 66 -22.15 -1.76 -0.64
N THR A 67 -21.20 -2.02 0.25
CA THR A 67 -20.86 -1.05 1.29
C THR A 67 -19.75 -0.11 0.82
N THR A 68 -19.24 -0.36 -0.39
CA THR A 68 -18.18 0.46 -0.99
C THR A 68 -18.43 0.60 -2.50
N LEU A 69 -17.80 1.60 -3.11
CA LEU A 69 -17.94 1.85 -4.54
C LEU A 69 -17.07 0.98 -5.45
N ASN A 70 -16.17 0.18 -4.86
CA ASN A 70 -15.24 -0.66 -5.61
C ASN A 70 -15.83 -1.40 -6.82
N ASN A 71 -16.87 -2.18 -6.61
CA ASN A 71 -17.46 -2.95 -7.72
C ASN A 71 -18.03 -2.06 -8.82
N PHE A 72 -18.63 -0.94 -8.44
CA PHE A 72 -19.18 -0.01 -9.41
C PHE A 72 -18.02 0.61 -10.20
N MET A 73 -16.93 0.93 -9.51
CA MET A 73 -15.75 1.51 -10.17
C MET A 73 -15.20 0.51 -11.18
N GLY A 74 -15.17 -0.76 -10.79
CA GLY A 74 -14.66 -1.81 -11.64
C GLY A 74 -15.48 -2.10 -12.90
N LEU A 75 -16.74 -1.66 -12.92
CA LEU A 75 -17.59 -1.92 -14.09
C LEU A 75 -17.15 -1.22 -15.37
N GLY A 76 -16.50 -0.06 -15.25
CA GLY A 76 -16.05 0.64 -16.44
C GLY A 76 -16.96 1.78 -16.89
N GLN A 77 -16.44 2.56 -17.84
CA GLN A 77 -17.14 3.74 -18.37
C GLN A 77 -18.55 3.56 -18.94
N ALA A 78 -18.85 2.42 -19.57
CA ALA A 78 -20.20 2.25 -20.11
C ALA A 78 -21.20 2.25 -18.95
N ALA A 79 -20.82 1.59 -17.86
CA ALA A 79 -21.67 1.54 -16.68
C ALA A 79 -21.77 2.92 -16.02
N TRP A 80 -20.65 3.61 -15.92
CA TRP A 80 -20.63 4.93 -15.29
C TRP A 80 -21.52 5.91 -16.07
N LYS A 81 -21.40 5.88 -17.39
CA LYS A 81 -22.19 6.79 -18.21
C LYS A 81 -23.68 6.47 -18.17
N GLU A 82 -24.02 5.19 -18.18
CA GLU A 82 -25.42 4.77 -18.11
C GLU A 82 -26.05 5.19 -16.77
N ALA A 83 -25.30 5.01 -15.68
CA ALA A 83 -25.79 5.39 -14.36
C ALA A 83 -26.06 6.89 -14.28
N ARG A 84 -25.15 7.70 -14.83
CA ARG A 84 -25.30 9.14 -14.82
C ARG A 84 -26.53 9.57 -15.63
N ALA A 85 -26.68 9.00 -16.84
CA ALA A 85 -27.82 9.33 -17.70
C ALA A 85 -29.14 9.00 -16.99
N SER A 86 -29.19 7.85 -16.33
CA SER A 86 -30.40 7.44 -15.60
C SER A 86 -30.69 8.40 -14.45
N LEU A 87 -29.66 8.73 -13.69
CA LEU A 87 -29.81 9.64 -12.55
C LEU A 87 -30.31 11.01 -12.98
N GLN A 88 -29.71 11.56 -14.02
CA GLN A 88 -30.12 12.87 -14.51
C GLN A 88 -31.54 12.85 -15.04
N ASN A 89 -31.94 11.70 -15.59
CA ASN A 89 -33.29 11.56 -16.10
C ASN A 89 -34.29 11.46 -14.94
N LEU A 90 -34.01 10.60 -13.97
CA LEU A 90 -34.89 10.42 -12.81
C LEU A 90 -35.04 11.68 -11.96
N LEU A 91 -33.98 12.46 -11.86
CA LEU A 91 -34.01 13.68 -11.06
C LEU A 91 -34.53 14.92 -11.79
N SER A 92 -34.59 14.88 -13.11
CA SER A 92 -35.07 16.03 -13.86
C SER A 92 -36.53 16.31 -13.55
N ALA A 93 -36.81 17.56 -13.20
CA ALA A 93 -38.15 18.03 -12.85
C ALA A 93 -39.28 17.61 -13.79
N SER A 94 -38.96 17.27 -15.04
CA SER A 94 -39.97 16.86 -16.01
C SER A 94 -40.24 15.36 -16.09
N GLN A 95 -39.50 14.58 -15.29
CA GLN A 95 -39.68 13.14 -15.26
C GLN A 95 -40.58 12.74 -14.10
N ALA A 96 -41.55 11.86 -14.40
CA ALA A 96 -42.52 11.42 -13.40
C ALA A 96 -42.13 10.27 -12.48
N ARG A 97 -41.48 9.24 -13.03
CA ARG A 97 -41.13 8.06 -12.28
C ARG A 97 -40.80 8.17 -10.78
N LEU A 98 -39.71 8.86 -10.44
CA LEU A 98 -39.34 9.01 -9.03
C LEU A 98 -40.05 10.19 -8.38
N ARG A 99 -40.28 11.24 -9.15
CA ARG A 99 -40.94 12.44 -8.65
C ARG A 99 -42.34 12.16 -8.06
N ASP A 100 -43.10 11.32 -8.76
CA ASP A 100 -44.46 10.99 -8.36
C ASP A 100 -44.70 9.76 -7.49
N ASP A 101 -43.74 8.85 -7.39
CA ASP A 101 -43.90 7.67 -6.55
C ASP A 101 -43.59 8.07 -5.11
N LYS A 102 -44.53 8.77 -4.48
CA LYS A 102 -44.36 9.27 -3.10
C LYS A 102 -43.72 8.30 -2.11
N GLU A 103 -44.20 7.08 -2.04
CA GLU A 103 -43.63 6.12 -1.09
C GLU A 103 -42.15 5.82 -1.33
N LEU A 104 -41.78 5.62 -2.59
CA LEU A 104 -40.38 5.34 -2.94
C LEU A 104 -39.57 6.58 -2.65
N ARG A 105 -40.13 7.72 -3.02
CA ARG A 105 -39.50 9.02 -2.83
C ARG A 105 -39.18 9.25 -1.35
N GLN A 106 -40.08 8.86 -0.47
CA GLN A 106 -39.86 9.03 0.96
C GLN A 106 -38.78 8.11 1.50
N ARG A 107 -38.56 6.99 0.82
CA ARG A 107 -37.53 6.05 1.25
C ARG A 107 -36.18 6.30 0.61
N ALA A 108 -36.19 6.88 -0.59
CA ALA A 108 -34.96 7.14 -1.33
C ALA A 108 -34.13 8.34 -0.91
N PHE A 109 -34.78 9.38 -0.37
CA PHE A 109 -34.04 10.57 0.03
C PHE A 109 -33.84 10.73 1.53
N THR A 110 -32.71 11.31 1.89
CA THR A 110 -32.38 11.57 3.27
C THR A 110 -31.55 12.87 3.28
N SER A 111 -31.57 13.57 4.40
CA SER A 111 -30.84 14.83 4.51
C SER A 111 -29.35 14.61 4.77
N GLN A 112 -28.52 15.44 4.16
CA GLN A 112 -27.07 15.36 4.37
C GLN A 112 -26.76 15.70 5.82
N ALA A 113 -27.54 16.65 6.38
CA ALA A 113 -27.36 17.10 7.75
C ALA A 113 -27.56 16.02 8.81
N SER A 114 -28.05 14.86 8.41
CA SER A 114 -28.28 13.78 9.36
C SER A 114 -27.55 12.50 8.98
N ALA A 115 -26.71 12.58 7.96
CA ALA A 115 -25.96 11.41 7.51
C ALA A 115 -24.51 11.42 8.00
N THR A 116 -23.94 10.25 8.14
CA THR A 116 -22.54 10.10 8.54
C THR A 116 -21.87 9.60 7.26
N MET A 117 -20.80 10.26 6.84
CA MET A 117 -20.09 9.84 5.63
C MET A 117 -18.98 8.86 5.99
N HIS A 118 -18.68 7.95 5.07
CA HIS A 118 -17.64 6.94 5.28
C HIS A 118 -16.66 7.02 4.11
N LEU A 119 -15.55 6.28 4.18
CA LEU A 119 -14.62 6.27 3.06
C LEU A 119 -15.42 5.68 1.89
N PRO A 120 -15.29 6.28 0.70
CA PRO A 120 -16.02 5.80 -0.48
C PRO A 120 -15.64 4.44 -1.04
N ALA A 121 -14.44 3.96 -0.71
CA ALA A 121 -13.99 2.69 -1.25
C ALA A 121 -12.90 2.07 -0.38
N THR A 122 -12.64 0.79 -0.61
CA THR A 122 -11.58 0.09 0.08
C THR A 122 -10.39 0.38 -0.84
N ILE A 123 -9.45 1.19 -0.35
CA ILE A 123 -8.28 1.58 -1.12
C ILE A 123 -7.19 0.51 -1.00
N GLY A 124 -7.01 -0.28 -2.07
CA GLY A 124 -6.00 -1.33 -2.06
C GLY A 124 -4.58 -0.82 -2.00
N ASP A 125 -4.31 0.24 -2.75
CA ASP A 125 -2.99 0.86 -2.81
C ASP A 125 -3.17 2.35 -3.03
N TYR A 126 -2.29 3.16 -2.43
CA TYR A 126 -2.34 4.61 -2.55
C TYR A 126 -0.96 5.07 -2.98
N THR A 127 -0.94 5.93 -4.00
CA THR A 127 0.30 6.49 -4.54
C THR A 127 0.18 8.01 -4.56
N ASP A 128 1.25 8.70 -4.19
CA ASP A 128 1.26 10.14 -4.17
C ASP A 128 2.35 10.64 -5.12
N PHE A 129 1.96 11.52 -6.03
CA PHE A 129 2.93 12.08 -6.98
C PHE A 129 3.53 13.40 -6.49
N TYR A 130 4.37 14.00 -7.31
CA TYR A 130 5.12 15.23 -6.99
C TYR A 130 5.03 16.11 -8.24
N SER A 131 3.84 16.17 -8.83
CA SER A 131 3.63 16.86 -10.10
C SER A 131 3.44 18.35 -10.26
N SER A 132 3.43 19.11 -9.18
CA SER A 132 3.28 20.56 -9.32
C SER A 132 4.69 21.15 -9.41
N ARG A 133 5.02 21.72 -10.56
CA ARG A 133 6.35 22.27 -10.76
C ARG A 133 6.77 23.32 -9.72
N GLN A 134 5.88 24.24 -9.38
CA GLN A 134 6.24 25.28 -8.42
C GLN A 134 6.45 24.68 -7.04
N HIS A 135 5.66 23.65 -6.70
CA HIS A 135 5.80 23.00 -5.40
C HIS A 135 7.17 22.32 -5.32
N ALA A 136 7.50 21.55 -6.35
CA ALA A 136 8.78 20.85 -6.39
C ALA A 136 9.96 21.83 -6.38
N THR A 137 9.81 22.93 -7.11
CA THR A 137 10.86 23.95 -7.15
C THR A 137 11.02 24.61 -5.77
N ASN A 138 9.91 24.99 -5.15
CA ASN A 138 9.96 25.62 -3.83
C ASN A 138 10.64 24.73 -2.82
N VAL A 139 10.21 23.47 -2.76
CA VAL A 139 10.80 22.51 -1.81
C VAL A 139 12.29 22.33 -2.13
N GLY A 140 12.60 22.17 -3.41
CA GLY A 140 13.97 21.99 -3.85
C GLY A 140 14.85 23.17 -3.43
N ILE A 141 14.36 24.38 -3.61
CA ILE A 141 15.12 25.58 -3.23
C ILE A 141 15.42 25.58 -1.73
N MET A 142 14.46 25.14 -0.92
CA MET A 142 14.66 25.13 0.53
C MET A 142 15.62 24.05 1.03
N PHE A 143 15.64 22.91 0.37
CA PHE A 143 16.49 21.80 0.79
C PHE A 143 17.84 21.71 0.06
N ARG A 144 17.83 21.98 -1.24
CA ARG A 144 19.03 21.87 -2.06
C ARG A 144 19.57 23.18 -2.61
N GLY A 145 18.77 24.23 -2.59
CA GLY A 145 19.22 25.50 -3.11
C GLY A 145 18.75 25.71 -4.54
N LYS A 146 18.74 26.96 -4.96
CA LYS A 146 18.29 27.38 -6.28
C LYS A 146 18.83 26.57 -7.47
N GLU A 147 20.15 26.37 -7.53
CA GLU A 147 20.76 25.65 -8.65
C GLU A 147 20.34 24.18 -8.78
N ASN A 148 20.06 23.52 -7.66
CA ASN A 148 19.68 22.12 -7.70
C ASN A 148 18.25 21.87 -7.20
N ALA A 149 17.39 22.87 -7.34
CA ALA A 149 16.01 22.75 -6.89
C ALA A 149 15.34 21.51 -7.45
N LEU A 150 15.33 21.42 -8.77
CA LEU A 150 14.72 20.30 -9.48
C LEU A 150 15.78 19.28 -9.88
N LEU A 151 15.67 18.05 -9.37
CA LEU A 151 16.61 16.99 -9.73
C LEU A 151 16.42 16.64 -11.21
N PRO A 152 17.45 16.07 -11.84
CA PRO A 152 17.46 15.68 -13.27
C PRO A 152 16.26 14.91 -13.83
N ASN A 153 15.72 13.97 -13.05
CA ASN A 153 14.59 13.15 -13.53
C ASN A 153 13.22 13.80 -13.49
N TRP A 154 13.05 14.88 -12.72
CA TRP A 154 11.76 15.52 -12.57
C TRP A 154 11.03 15.87 -13.86
N LEU A 155 11.72 16.51 -14.79
CA LEU A 155 11.10 16.89 -16.06
C LEU A 155 10.95 15.74 -17.05
N HIS A 156 11.41 14.54 -16.70
CA HIS A 156 11.33 13.38 -17.60
C HIS A 156 10.28 12.33 -17.29
N LEU A 157 9.87 12.25 -16.03
CA LEU A 157 8.86 11.30 -15.63
C LEU A 157 8.12 11.83 -14.41
N PRO A 158 6.84 11.44 -14.27
CA PRO A 158 6.06 11.91 -13.11
C PRO A 158 6.50 11.14 -11.87
N VAL A 159 7.42 11.75 -11.13
CA VAL A 159 7.96 11.17 -9.91
C VAL A 159 6.82 10.97 -8.88
N GLY A 160 6.91 9.87 -8.12
CA GLY A 160 5.90 9.58 -7.11
C GLY A 160 6.40 8.51 -6.18
N TYR A 161 5.64 8.20 -5.13
CA TYR A 161 6.02 7.17 -4.18
C TYR A 161 4.78 6.46 -3.64
N HIS A 162 4.96 5.25 -3.15
CA HIS A 162 3.85 4.48 -2.58
C HIS A 162 3.55 5.08 -1.22
N GLY A 163 2.27 5.32 -0.96
CA GLY A 163 1.85 5.88 0.32
C GLY A 163 1.28 4.79 1.20
N ARG A 164 0.80 5.17 2.38
CA ARG A 164 0.20 4.22 3.32
C ARG A 164 -1.32 4.28 3.16
N ALA A 165 -1.92 3.15 2.79
CA ALA A 165 -3.38 3.08 2.60
C ALA A 165 -4.22 3.06 3.88
N SER A 166 -3.77 2.34 4.90
CA SER A 166 -4.55 2.22 6.14
C SER A 166 -4.89 3.52 6.86
N SER A 167 -4.00 4.50 6.78
CA SER A 167 -4.21 5.78 7.47
C SER A 167 -4.93 6.86 6.67
N ILE A 168 -5.56 6.46 5.55
CA ILE A 168 -6.34 7.41 4.77
C ILE A 168 -7.69 7.43 5.50
N VAL A 169 -8.09 8.60 5.98
CA VAL A 169 -9.34 8.77 6.72
C VAL A 169 -10.26 9.79 6.05
N VAL A 170 -11.56 9.65 6.30
CA VAL A 170 -12.56 10.54 5.71
C VAL A 170 -12.58 11.88 6.45
N SER A 171 -13.02 12.92 5.74
CA SER A 171 -13.12 14.27 6.27
C SER A 171 -13.76 14.29 7.66
N GLY A 172 -13.22 15.12 8.55
CA GLY A 172 -13.75 15.22 9.89
C GLY A 172 -13.00 14.41 10.93
N THR A 173 -12.17 13.46 10.50
CA THR A 173 -11.41 12.63 11.46
C THR A 173 -10.28 13.43 12.12
N PRO A 174 -10.21 13.42 13.46
CA PRO A 174 -9.14 14.16 14.13
C PRO A 174 -7.79 13.49 13.86
N ILE A 175 -6.75 14.30 13.74
CA ILE A 175 -5.39 13.81 13.49
C ILE A 175 -4.51 14.12 14.69
N ARG A 176 -3.94 13.08 15.29
CA ARG A 176 -3.08 13.28 16.45
C ARG A 176 -1.64 13.62 16.06
N ARG A 177 -1.09 14.67 16.67
CA ARG A 177 0.29 15.06 16.39
C ARG A 177 1.14 13.83 16.67
N PRO A 178 1.91 13.36 15.67
CA PRO A 178 2.76 12.18 15.81
C PRO A 178 4.07 12.30 16.61
N MET A 179 4.45 11.19 17.22
CA MET A 179 5.69 11.08 17.97
C MET A 179 6.68 10.41 17.01
N GLY A 180 7.97 10.60 17.21
CA GLY A 180 8.93 9.98 16.34
C GLY A 180 10.33 10.48 16.60
N GLN A 181 11.25 10.12 15.69
CA GLN A 181 12.65 10.53 15.78
C GLN A 181 12.88 11.80 14.97
N MET A 182 13.74 12.67 15.48
CA MET A 182 14.06 13.93 14.82
C MET A 182 15.52 14.22 15.12
N ARG A 183 16.17 15.01 14.29
CA ARG A 183 17.57 15.39 14.51
C ARG A 183 17.68 16.88 14.34
N PRO A 184 17.28 17.66 15.37
CA PRO A 184 17.34 19.13 15.31
C PRO A 184 18.76 19.69 15.24
N ASP A 185 19.70 18.95 15.80
CA ASP A 185 21.09 19.35 15.81
C ASP A 185 21.88 18.27 15.10
N ASN A 186 22.42 18.59 13.93
CA ASN A 186 23.19 17.64 13.13
C ASN A 186 24.50 17.12 13.74
N SER A 187 24.95 17.74 14.82
CA SER A 187 26.17 17.30 15.46
C SER A 187 25.88 16.50 16.72
N LYS A 188 24.61 16.22 16.96
CA LYS A 188 24.18 15.46 18.13
C LYS A 188 23.31 14.28 17.67
N PRO A 189 23.17 13.24 18.52
CA PRO A 189 22.35 12.09 18.14
C PRO A 189 20.89 12.50 18.01
N PRO A 190 20.09 11.71 17.29
CA PRO A 190 18.67 12.05 17.14
C PRO A 190 17.96 11.95 18.47
N VAL A 191 16.80 12.61 18.56
CA VAL A 191 16.00 12.59 19.77
C VAL A 191 14.60 12.05 19.46
N TYR A 192 13.94 11.55 20.48
CA TYR A 192 12.58 11.02 20.35
C TYR A 192 11.67 12.06 20.99
N GLY A 193 10.56 12.37 20.33
CA GLY A 193 9.64 13.33 20.90
C GLY A 193 8.49 13.61 19.97
N ALA A 194 7.70 14.63 20.31
CA ALA A 194 6.54 15.02 19.50
C ALA A 194 6.99 15.89 18.34
N CYS A 195 6.36 15.65 17.20
CA CYS A 195 6.63 16.39 15.98
C CYS A 195 6.47 17.91 16.24
N ARG A 196 7.41 18.70 15.75
CA ARG A 196 7.34 20.16 15.94
C ARG A 196 6.99 20.91 14.67
N LEU A 197 7.20 20.28 13.51
CA LEU A 197 6.87 20.91 12.25
C LEU A 197 5.76 20.12 11.56
N LEU A 198 4.53 20.28 12.06
CA LEU A 198 3.37 19.57 11.50
C LEU A 198 2.80 20.46 10.42
N ASP A 199 2.52 19.87 9.26
CA ASP A 199 2.04 20.63 8.13
C ASP A 199 0.93 19.89 7.38
N MET A 200 0.29 20.62 6.47
CA MET A 200 -0.75 20.07 5.62
C MET A 200 -0.23 20.17 4.18
N GLU A 201 -0.89 19.48 3.26
CA GLU A 201 -0.52 19.52 1.86
C GLU A 201 -1.79 19.45 1.03
N LEU A 202 -2.08 20.54 0.32
CA LEU A 202 -3.25 20.63 -0.53
C LEU A 202 -3.05 19.76 -1.75
N GLU A 203 -3.94 18.79 -1.95
CA GLU A 203 -3.83 17.90 -3.09
C GLU A 203 -5.21 17.49 -3.54
N MET A 204 -5.24 16.80 -4.68
CA MET A 204 -6.46 16.24 -5.22
C MET A 204 -6.05 14.83 -5.60
N ALA A 205 -7.00 13.92 -5.68
CA ALA A 205 -6.67 12.54 -6.00
C ALA A 205 -7.79 11.93 -6.81
N PHE A 206 -7.46 10.89 -7.57
CA PHE A 206 -8.48 10.21 -8.37
C PHE A 206 -8.48 8.73 -8.08
N PHE A 207 -9.66 8.12 -8.27
CA PHE A 207 -9.84 6.69 -8.06
C PHE A 207 -9.76 5.95 -9.38
N VAL A 208 -9.14 4.78 -9.34
CA VAL A 208 -8.99 3.95 -10.51
C VAL A 208 -10.27 3.09 -10.71
N GLY A 209 -10.64 2.92 -11.98
CA GLY A 209 -11.81 2.12 -12.33
C GLY A 209 -11.44 0.65 -12.55
N PRO A 210 -11.67 0.10 -13.76
CA PRO A 210 -11.37 -1.31 -14.07
C PRO A 210 -9.95 -1.79 -13.77
N GLY A 211 -8.95 -1.01 -14.15
CA GLY A 211 -7.58 -1.46 -13.89
C GLY A 211 -7.05 -2.40 -14.96
N ASN A 212 -5.83 -2.88 -14.77
CA ASN A 212 -5.18 -3.76 -15.74
C ASN A 212 -4.71 -5.07 -15.16
N ARG A 213 -4.47 -6.06 -16.03
CA ARG A 213 -3.98 -7.36 -15.57
C ARG A 213 -2.51 -7.23 -15.18
N PHE A 214 -2.09 -8.06 -14.23
CA PHE A 214 -0.70 -8.10 -13.77
C PHE A 214 0.18 -8.33 -15.00
N GLY A 215 1.16 -7.46 -15.22
CA GLY A 215 2.06 -7.60 -16.35
C GLY A 215 1.65 -6.91 -17.65
N GLU A 216 0.47 -6.32 -17.69
CA GLU A 216 0.01 -5.64 -18.89
C GLU A 216 -0.16 -4.14 -18.68
N PRO A 217 0.72 -3.32 -19.26
CA PRO A 217 0.63 -1.87 -19.11
C PRO A 217 -0.62 -1.26 -19.73
N ILE A 218 -1.00 -0.08 -19.26
CA ILE A 218 -2.16 0.63 -19.78
C ILE A 218 -1.63 1.69 -20.75
N PRO A 219 -1.88 1.54 -22.07
CA PRO A 219 -1.37 2.55 -23.00
C PRO A 219 -2.02 3.91 -22.73
N ILE A 220 -1.29 4.98 -22.99
CA ILE A 220 -1.83 6.31 -22.74
C ILE A 220 -3.15 6.62 -23.44
N SER A 221 -3.38 6.05 -24.63
CA SER A 221 -4.62 6.28 -25.36
C SER A 221 -5.86 5.69 -24.67
N LYS A 222 -5.63 4.77 -23.74
CA LYS A 222 -6.72 4.15 -22.99
C LYS A 222 -6.79 4.60 -21.54
N ALA A 223 -5.83 5.40 -21.10
CA ALA A 223 -5.78 5.87 -19.72
C ALA A 223 -7.08 6.54 -19.26
N HIS A 224 -7.69 7.35 -20.13
CA HIS A 224 -8.93 8.05 -19.77
C HIS A 224 -10.07 7.08 -19.40
N GLU A 225 -9.96 5.84 -19.84
CA GLU A 225 -10.99 4.85 -19.55
C GLU A 225 -10.91 4.28 -18.14
N HIS A 226 -9.82 4.56 -17.43
CA HIS A 226 -9.62 4.02 -16.10
C HIS A 226 -9.74 5.02 -14.95
N ILE A 227 -10.10 6.26 -15.26
CA ILE A 227 -10.22 7.29 -14.23
C ILE A 227 -11.68 7.48 -13.87
N PHE A 228 -12.05 7.07 -12.66
CA PHE A 228 -13.42 7.15 -12.18
C PHE A 228 -13.88 8.56 -11.76
N GLY A 229 -13.17 9.16 -10.82
CA GLY A 229 -13.55 10.48 -10.34
C GLY A 229 -12.50 11.01 -9.39
N MET A 230 -12.76 12.17 -8.80
CA MET A 230 -11.80 12.82 -7.91
C MET A 230 -12.34 13.22 -6.54
N VAL A 231 -11.41 13.46 -5.62
CA VAL A 231 -11.71 13.92 -4.27
C VAL A 231 -10.62 14.90 -3.84
N LEU A 232 -10.90 15.67 -2.79
CA LEU A 232 -9.93 16.61 -2.24
C LEU A 232 -9.08 15.79 -1.27
N MET A 233 -7.85 16.22 -1.02
CA MET A 233 -6.98 15.50 -0.10
C MET A 233 -6.02 16.40 0.67
N ASN A 234 -5.78 16.04 1.92
CA ASN A 234 -4.83 16.76 2.76
C ASN A 234 -3.84 15.71 3.22
N ASP A 235 -2.64 15.75 2.66
CA ASP A 235 -1.61 14.79 3.03
C ASP A 235 -0.83 15.36 4.21
N TRP A 236 -1.34 15.13 5.42
CA TRP A 236 -0.70 15.62 6.65
C TRP A 236 0.76 15.18 6.67
N SER A 237 1.64 16.11 7.04
CA SER A 237 3.08 15.85 7.02
C SER A 237 3.83 16.31 8.26
N ALA A 238 4.76 15.47 8.71
CA ALA A 238 5.59 15.78 9.87
C ALA A 238 6.97 16.04 9.25
N ARG A 239 7.22 17.29 8.90
CA ARG A 239 8.47 17.70 8.24
C ARG A 239 9.78 17.30 8.93
N ASP A 240 9.87 17.52 10.23
CA ASP A 240 11.09 17.17 10.97
C ASP A 240 11.34 15.65 11.04
N ILE A 241 10.27 14.88 11.16
CA ILE A 241 10.40 13.43 11.17
C ILE A 241 10.84 12.98 9.78
N GLN A 242 10.22 13.54 8.74
CA GLN A 242 10.58 13.16 7.39
C GLN A 242 12.03 13.47 7.03
N GLN A 243 12.48 14.69 7.35
CA GLN A 243 13.84 15.12 7.04
C GLN A 243 14.93 14.16 7.50
N TRP A 244 14.75 13.57 8.66
CA TRP A 244 15.73 12.65 9.22
C TRP A 244 15.64 11.24 8.63
N GLU A 245 14.43 10.81 8.29
CA GLU A 245 14.21 9.45 7.80
C GLU A 245 14.29 9.16 6.31
N TYR A 246 13.93 10.14 5.49
CA TYR A 246 13.78 9.93 4.06
C TYR A 246 14.89 9.64 3.08
N VAL A 247 16.14 9.82 3.47
CA VAL A 247 17.25 9.49 2.57
C VAL A 247 17.70 8.07 2.94
N PRO A 248 17.78 7.16 1.95
CA PRO A 248 17.49 7.34 0.53
C PRO A 248 16.22 6.65 0.02
N LEU A 249 15.44 6.05 0.92
CA LEU A 249 14.25 5.32 0.48
C LEU A 249 12.91 6.08 0.43
N GLY A 250 12.93 7.37 0.78
CA GLY A 250 11.72 8.18 0.69
C GLY A 250 10.88 8.42 1.93
N PRO A 251 9.79 9.20 1.78
CA PRO A 251 8.85 9.55 2.86
C PRO A 251 8.26 8.28 3.46
N PHE A 252 8.27 8.20 4.79
CA PHE A 252 7.76 7.02 5.47
C PHE A 252 6.83 7.43 6.62
N LEU A 253 7.35 7.49 7.84
CA LEU A 253 6.54 7.89 9.00
C LEU A 253 6.12 9.36 8.95
N GLY A 254 6.85 10.17 8.18
CA GLY A 254 6.52 11.59 8.06
C GLY A 254 5.23 11.84 7.31
N LYS A 255 4.66 10.79 6.72
CA LYS A 255 3.42 10.88 5.96
C LYS A 255 2.32 9.93 6.41
N SER A 256 2.70 8.73 6.85
CA SER A 256 1.74 7.69 7.23
C SER A 256 0.86 7.83 8.46
N PHE A 257 1.07 8.86 9.27
CA PHE A 257 0.23 9.00 10.45
C PHE A 257 -1.19 9.44 10.14
N GLY A 258 -1.42 9.93 8.92
CA GLY A 258 -2.75 10.37 8.54
C GLY A 258 -2.78 11.11 7.22
N THR A 259 -3.82 10.84 6.43
CA THR A 259 -4.03 11.47 5.12
C THR A 259 -5.55 11.55 4.99
N THR A 260 -6.09 12.75 4.84
CA THR A 260 -7.54 12.93 4.77
C THR A 260 -8.07 13.18 3.37
N ILE A 261 -9.22 12.57 3.06
CA ILE A 261 -9.87 12.81 1.76
C ILE A 261 -11.32 13.20 2.00
N SER A 262 -11.89 13.98 1.09
CA SER A 262 -13.30 14.39 1.18
C SER A 262 -14.13 13.15 0.80
N PRO A 263 -15.38 13.06 1.28
CA PRO A 263 -16.22 11.89 0.99
C PRO A 263 -16.96 11.75 -0.33
N TRP A 264 -17.17 12.85 -1.04
CA TRP A 264 -17.92 12.81 -2.30
C TRP A 264 -17.05 12.68 -3.54
N VAL A 265 -17.19 11.58 -4.25
CA VAL A 265 -16.39 11.35 -5.45
C VAL A 265 -17.06 11.98 -6.68
N VAL A 266 -16.50 13.08 -7.15
CA VAL A 266 -17.03 13.78 -8.32
C VAL A 266 -16.56 13.05 -9.56
N PRO A 267 -17.50 12.52 -10.37
CA PRO A 267 -17.14 11.79 -11.59
C PRO A 267 -16.49 12.67 -12.65
N MET A 268 -15.59 12.07 -13.44
CA MET A 268 -14.89 12.82 -14.48
C MET A 268 -15.84 13.52 -15.44
N ASP A 269 -16.99 12.91 -15.71
CA ASP A 269 -17.97 13.51 -16.62
C ASP A 269 -18.46 14.89 -16.14
N ALA A 270 -18.54 15.08 -14.83
CA ALA A 270 -18.98 16.37 -14.28
C ALA A 270 -17.88 17.42 -14.42
N LEU A 271 -16.64 16.97 -14.57
CA LEU A 271 -15.49 17.87 -14.67
C LEU A 271 -15.08 18.28 -16.09
N MET A 272 -15.50 17.50 -17.09
CA MET A 272 -15.16 17.79 -18.48
C MET A 272 -15.42 19.21 -18.99
N PRO A 273 -16.54 19.83 -18.56
CA PRO A 273 -16.81 21.20 -19.03
C PRO A 273 -15.75 22.20 -18.57
N PHE A 274 -14.93 21.81 -17.60
CA PHE A 274 -13.92 22.69 -17.05
C PHE A 274 -12.49 22.35 -17.45
N VAL A 275 -12.35 21.54 -18.49
CA VAL A 275 -11.04 21.15 -18.98
C VAL A 275 -10.41 22.35 -19.70
N VAL A 276 -9.08 22.42 -19.65
CA VAL A 276 -8.33 23.49 -20.30
C VAL A 276 -7.11 22.83 -20.98
N PRO A 277 -6.44 23.52 -21.91
CA PRO A 277 -5.29 22.88 -22.57
C PRO A 277 -4.19 22.49 -21.57
N ASN A 278 -3.48 21.40 -21.88
CA ASN A 278 -2.40 20.91 -21.01
C ASN A 278 -1.22 21.84 -21.09
N PRO A 279 -0.48 22.00 -19.97
CA PRO A 279 0.69 22.87 -19.95
C PRO A 279 1.72 22.37 -20.96
N LYS A 280 2.51 23.29 -21.49
CA LYS A 280 3.54 22.93 -22.46
C LYS A 280 4.67 22.24 -21.70
N GLN A 281 5.05 21.05 -22.14
CA GLN A 281 6.12 20.31 -21.49
C GLN A 281 7.40 20.40 -22.33
N ASP A 282 8.47 20.87 -21.69
CA ASP A 282 9.76 21.03 -22.36
C ASP A 282 10.85 20.61 -21.36
N PRO A 283 11.65 19.59 -21.71
CA PRO A 283 11.63 18.77 -22.93
C PRO A 283 10.35 17.98 -23.07
N LYS A 284 9.97 17.65 -24.31
CA LYS A 284 8.75 16.89 -24.49
C LYS A 284 8.99 15.47 -23.99
N PRO A 285 7.96 14.85 -23.41
CA PRO A 285 8.06 13.49 -22.87
C PRO A 285 8.27 12.41 -23.93
N LEU A 286 8.74 11.26 -23.48
CA LEU A 286 8.94 10.12 -24.36
C LEU A 286 7.56 9.79 -24.91
N PRO A 287 7.51 9.18 -26.10
CA PRO A 287 6.24 8.82 -26.73
C PRO A 287 5.19 8.12 -25.87
N TYR A 288 5.61 7.25 -24.95
CA TYR A 288 4.62 6.55 -24.14
C TYR A 288 3.81 7.44 -23.19
N LEU A 289 4.30 8.66 -22.97
CA LEU A 289 3.64 9.62 -22.09
C LEU A 289 2.95 10.77 -22.85
N CYS A 290 2.98 10.71 -24.17
CA CYS A 290 2.39 11.78 -24.97
C CYS A 290 0.93 11.56 -25.33
N HIS A 291 0.12 12.61 -25.14
CA HIS A 291 -1.30 12.58 -25.46
C HIS A 291 -1.69 13.99 -25.88
N SER A 292 -2.60 14.11 -26.84
CA SER A 292 -3.05 15.41 -27.29
C SER A 292 -4.32 15.87 -26.59
N GLN A 293 -5.11 14.90 -26.12
CA GLN A 293 -6.36 15.20 -25.44
C GLN A 293 -6.16 16.11 -24.23
N PRO A 294 -6.95 17.19 -24.12
CA PRO A 294 -6.82 18.11 -22.98
C PRO A 294 -7.28 17.33 -21.76
N TYR A 295 -6.54 17.43 -20.66
CA TYR A 295 -6.91 16.73 -19.45
C TYR A 295 -6.36 17.45 -18.24
N THR A 296 -6.44 18.78 -18.29
CA THR A 296 -5.99 19.64 -17.20
C THR A 296 -7.30 20.32 -16.82
N PHE A 297 -7.55 20.50 -15.51
CA PHE A 297 -8.81 21.08 -15.08
C PHE A 297 -8.76 22.36 -14.27
N ASP A 298 -9.70 23.24 -14.56
CA ASP A 298 -9.83 24.52 -13.88
C ASP A 298 -10.69 24.32 -12.63
N ILE A 299 -10.02 24.04 -11.51
CA ILE A 299 -10.71 23.81 -10.24
C ILE A 299 -10.11 24.74 -9.19
N ASN A 300 -10.93 25.63 -8.66
CA ASN A 300 -10.50 26.59 -7.65
C ASN A 300 -10.48 25.91 -6.30
N LEU A 301 -9.32 25.97 -5.64
CA LEU A 301 -9.12 25.34 -4.35
C LEU A 301 -8.90 26.41 -3.30
N SER A 302 -9.43 26.18 -2.11
CA SER A 302 -9.28 27.16 -1.04
C SER A 302 -8.97 26.43 0.25
N VAL A 303 -8.06 26.99 1.04
CA VAL A 303 -7.68 26.40 2.32
C VAL A 303 -7.83 27.41 3.46
N SER A 304 -8.60 27.04 4.47
CA SER A 304 -8.79 27.91 5.63
C SER A 304 -8.28 27.23 6.89
N LEU A 305 -7.87 28.04 7.85
CA LEU A 305 -7.35 27.54 9.12
C LEU A 305 -8.06 28.27 10.24
N LYS A 306 -8.42 27.54 11.29
CA LYS A 306 -9.07 28.14 12.45
C LYS A 306 -8.49 27.49 13.68
N GLY A 307 -7.83 28.28 14.52
CA GLY A 307 -7.25 27.73 15.73
C GLY A 307 -8.11 28.02 16.94
N GLU A 308 -7.71 27.52 18.10
CA GLU A 308 -8.47 27.79 19.31
C GLU A 308 -8.24 29.25 19.70
N GLY A 309 -9.31 29.91 20.13
CA GLY A 309 -9.19 31.31 20.51
C GLY A 309 -9.50 32.19 19.31
N MET A 310 -9.87 31.57 18.20
CA MET A 310 -10.22 32.28 16.98
C MET A 310 -11.71 32.11 16.73
N SER A 311 -12.39 33.21 16.46
CA SER A 311 -13.82 33.19 16.21
C SER A 311 -14.17 32.80 14.77
N GLN A 312 -13.37 33.29 13.83
CA GLN A 312 -13.60 33.02 12.41
C GLN A 312 -12.35 32.40 11.77
N ALA A 313 -12.56 31.49 10.82
CA ALA A 313 -11.46 30.83 10.11
C ALA A 313 -10.88 31.76 9.03
N ALA A 314 -9.56 31.73 8.87
CA ALA A 314 -8.89 32.56 7.88
C ALA A 314 -8.45 31.76 6.65
N THR A 315 -8.65 32.32 5.46
CA THR A 315 -8.25 31.65 4.23
C THR A 315 -6.75 31.90 4.06
N ILE A 316 -5.95 30.85 4.15
CA ILE A 316 -4.50 30.99 4.02
C ILE A 316 -3.94 30.60 2.66
N CYS A 317 -4.78 30.03 1.79
CA CYS A 317 -4.33 29.61 0.47
C CYS A 317 -5.47 29.57 -0.54
N ARG A 318 -5.18 30.05 -1.75
CA ARG A 318 -6.13 30.04 -2.86
C ARG A 318 -5.30 29.60 -4.06
N SER A 319 -5.57 28.41 -4.58
CA SER A 319 -4.82 27.88 -5.70
C SER A 319 -5.77 27.29 -6.73
N ASN A 320 -5.23 26.50 -7.64
CA ASN A 320 -6.04 25.90 -8.69
C ASN A 320 -5.36 24.64 -9.20
N PHE A 321 -6.17 23.62 -9.52
CA PHE A 321 -5.65 22.35 -10.01
C PHE A 321 -4.99 22.44 -11.39
N LYS A 322 -5.20 23.54 -12.11
CA LYS A 322 -4.59 23.67 -13.43
C LYS A 322 -3.06 23.90 -13.35
N HIS A 323 -2.53 24.09 -12.14
CA HIS A 323 -1.10 24.32 -11.94
C HIS A 323 -0.31 23.01 -11.88
N MET A 324 -0.79 21.97 -12.55
CA MET A 324 -0.10 20.68 -12.54
C MET A 324 0.64 20.49 -13.85
N TYR A 325 1.89 20.04 -13.74
CA TYR A 325 2.75 19.81 -14.90
C TYR A 325 2.44 18.49 -15.61
N TRP A 326 2.29 17.41 -14.83
CA TRP A 326 1.98 16.10 -15.39
C TRP A 326 0.48 15.85 -15.24
N THR A 327 -0.16 15.35 -16.29
CA THR A 327 -1.60 15.10 -16.23
C THR A 327 -1.90 13.76 -15.55
N MET A 328 -3.16 13.56 -15.21
CA MET A 328 -3.59 12.30 -14.59
C MET A 328 -3.39 11.15 -15.57
N LEU A 329 -3.55 11.41 -16.86
CA LEU A 329 -3.37 10.38 -17.87
C LEU A 329 -1.90 9.90 -17.86
N GLN A 330 -0.97 10.85 -17.73
CA GLN A 330 0.45 10.53 -17.72
C GLN A 330 0.83 9.78 -16.44
N GLN A 331 0.22 10.19 -15.32
CA GLN A 331 0.50 9.53 -14.04
C GLN A 331 0.03 8.08 -14.08
N LEU A 332 -1.20 7.86 -14.54
CA LEU A 332 -1.75 6.51 -14.62
C LEU A 332 -0.93 5.62 -15.55
N THR A 333 -0.59 6.14 -16.73
CA THR A 333 0.17 5.39 -17.71
C THR A 333 1.56 5.04 -17.17
N HIS A 334 2.24 6.02 -16.59
CA HIS A 334 3.55 5.79 -16.02
C HIS A 334 3.48 4.74 -14.91
N HIS A 335 2.44 4.83 -14.07
CA HIS A 335 2.28 3.91 -12.96
C HIS A 335 2.12 2.46 -13.41
N SER A 336 1.66 2.24 -14.64
CA SER A 336 1.46 0.87 -15.13
C SER A 336 2.44 0.42 -16.21
N VAL A 337 3.33 1.31 -16.62
CA VAL A 337 4.29 1.01 -17.69
C VAL A 337 5.15 -0.22 -17.46
N ASN A 338 5.46 -0.52 -16.19
CA ASN A 338 6.28 -1.68 -15.83
C ASN A 338 5.45 -2.95 -15.61
N GLY A 339 4.14 -2.87 -15.86
CA GLY A 339 3.29 -4.04 -15.67
C GLY A 339 2.56 -4.08 -14.34
N CYS A 340 2.84 -3.13 -13.45
CA CYS A 340 2.18 -3.04 -12.16
C CYS A 340 0.66 -3.01 -12.38
N ASN A 341 -0.08 -3.82 -11.62
CA ASN A 341 -1.53 -3.90 -11.76
C ASN A 341 -2.32 -2.94 -10.86
N LEU A 342 -2.96 -1.95 -11.48
CA LEU A 342 -3.81 -0.99 -10.78
C LEU A 342 -5.17 -1.69 -10.60
N ARG A 343 -5.81 -1.48 -9.47
CA ARG A 343 -7.08 -2.13 -9.20
C ARG A 343 -8.18 -1.12 -8.86
N PRO A 344 -9.46 -1.52 -9.03
CA PRO A 344 -10.56 -0.61 -8.73
C PRO A 344 -10.44 -0.08 -7.29
N GLY A 345 -10.62 1.22 -7.10
CA GLY A 345 -10.53 1.77 -5.76
C GLY A 345 -9.16 2.29 -5.40
N ASP A 346 -8.16 2.01 -6.21
CA ASP A 346 -6.82 2.51 -5.93
C ASP A 346 -6.89 4.04 -5.98
N LEU A 347 -6.09 4.70 -5.15
CA LEU A 347 -6.08 6.14 -5.09
C LEU A 347 -4.72 6.70 -5.54
N LEU A 348 -4.74 7.60 -6.52
CA LEU A 348 -3.53 8.24 -7.01
C LEU A 348 -3.66 9.74 -6.78
N ALA A 349 -2.81 10.29 -5.91
CA ALA A 349 -2.85 11.72 -5.60
C ALA A 349 -1.91 12.54 -6.50
N SER A 350 -2.31 13.78 -6.73
CA SER A 350 -1.60 14.71 -7.61
C SER A 350 -0.23 15.19 -7.14
N GLY A 351 -0.10 15.39 -5.83
CA GLY A 351 1.11 15.96 -5.27
C GLY A 351 0.62 17.33 -4.80
N THR A 352 1.39 17.98 -3.93
CA THR A 352 1.00 19.29 -3.42
C THR A 352 0.85 20.31 -4.55
N ILE A 353 -0.30 20.98 -4.57
CA ILE A 353 -0.63 21.96 -5.58
C ILE A 353 -0.16 23.38 -5.23
N SER A 354 0.78 23.89 -6.00
CA SER A 354 1.31 25.23 -5.80
C SER A 354 1.31 25.99 -7.12
N GLY A 355 0.87 27.24 -7.07
CA GLY A 355 0.89 28.09 -8.25
C GLY A 355 2.12 28.97 -8.13
N SER A 356 2.32 29.87 -9.09
CA SER A 356 3.48 30.75 -9.07
C SER A 356 3.32 31.88 -8.05
N ASP A 357 2.07 32.21 -7.74
CA ASP A 357 1.74 33.26 -6.79
C ASP A 357 1.93 32.77 -5.35
N PRO A 358 2.59 33.57 -4.49
CA PRO A 358 2.84 33.19 -3.10
C PRO A 358 1.58 32.85 -2.30
N GLU A 359 0.43 33.39 -2.72
CA GLU A 359 -0.83 33.13 -2.04
C GLU A 359 -1.42 31.77 -2.45
N SER A 360 -0.79 31.12 -3.42
CA SER A 360 -1.27 29.84 -3.92
C SER A 360 -0.38 28.66 -3.58
N PHE A 361 0.54 28.83 -2.64
CA PHE A 361 1.41 27.73 -2.26
C PHE A 361 0.61 26.74 -1.41
N GLY A 362 0.66 25.46 -1.78
CA GLY A 362 -0.12 24.44 -1.08
C GLY A 362 0.32 23.82 0.23
N SER A 363 1.26 24.44 0.94
CA SER A 363 1.74 23.90 2.22
C SER A 363 2.24 25.05 3.07
N MET A 364 2.20 24.88 4.38
CA MET A 364 2.68 25.93 5.29
C MET A 364 4.20 26.03 5.23
N LEU A 365 4.85 24.94 4.80
CA LEU A 365 6.30 24.92 4.65
C LEU A 365 6.63 26.02 3.61
N GLU A 366 5.82 26.06 2.54
CA GLU A 366 6.00 27.03 1.49
C GLU A 366 5.47 28.40 1.89
N LEU A 367 4.27 28.44 2.47
CA LEU A 367 3.67 29.71 2.88
C LEU A 367 4.52 30.47 3.91
N SER A 368 5.18 29.73 4.81
CA SER A 368 6.02 30.36 5.83
C SER A 368 7.50 30.31 5.46
N TRP A 369 7.77 29.78 4.27
CA TRP A 369 9.12 29.63 3.77
C TRP A 369 10.06 29.04 4.82
N LYS A 370 9.79 27.78 5.16
CA LYS A 370 10.57 27.01 6.13
C LYS A 370 10.63 27.68 7.51
N GLY A 371 9.55 28.35 7.89
CA GLY A 371 9.50 29.00 9.19
C GLY A 371 10.19 30.35 9.32
N THR A 372 10.46 31.02 8.19
CA THR A 372 11.11 32.33 8.25
C THR A 372 10.10 33.47 8.17
N LYS A 373 8.96 33.21 7.53
CA LYS A 373 7.91 34.21 7.38
C LYS A 373 6.70 33.78 8.18
N ALA A 374 6.17 34.67 9.01
CA ALA A 374 4.99 34.36 9.80
C ALA A 374 3.75 34.59 8.96
N ILE A 375 2.83 33.63 8.97
CA ILE A 375 1.59 33.73 8.23
C ILE A 375 0.58 34.41 9.17
N ASP A 376 0.01 35.52 8.73
CA ASP A 376 -0.98 36.22 9.56
C ASP A 376 -2.34 35.58 9.36
N VAL A 377 -2.88 34.98 10.41
CA VAL A 377 -4.19 34.33 10.33
C VAL A 377 -5.27 35.20 10.98
N GLY A 378 -4.97 36.49 11.15
CA GLY A 378 -5.92 37.41 11.74
C GLY A 378 -6.01 37.31 13.25
N GLN A 379 -6.80 38.21 13.84
CA GLN A 379 -7.00 38.26 15.29
C GLN A 379 -5.70 38.31 16.09
N GLY A 380 -4.69 38.97 15.51
CA GLY A 380 -3.40 39.09 16.18
C GLY A 380 -2.63 37.78 16.25
N GLN A 381 -3.10 36.76 15.56
CA GLN A 381 -2.42 35.48 15.56
C GLN A 381 -1.65 35.20 14.29
N THR A 382 -0.56 34.46 14.43
CA THR A 382 0.28 34.11 13.30
C THR A 382 0.62 32.62 13.38
N ARG A 383 1.10 32.07 12.26
CA ARG A 383 1.45 30.68 12.20
C ARG A 383 2.65 30.48 11.29
N THR A 384 3.41 29.42 11.57
CA THR A 384 4.50 29.01 10.70
C THR A 384 4.00 27.60 10.35
N PHE A 385 3.87 26.77 11.38
CA PHE A 385 3.36 25.42 11.23
C PHE A 385 2.12 25.25 12.11
N LEU A 386 1.43 24.13 11.96
CA LEU A 386 0.21 23.87 12.72
C LEU A 386 0.40 23.71 14.23
N LEU A 387 -0.53 24.28 14.99
CA LEU A 387 -0.52 24.17 16.44
C LEU A 387 -1.66 23.24 16.85
N ASP A 388 -1.57 22.66 18.03
CA ASP A 388 -2.62 21.76 18.52
C ASP A 388 -3.93 22.53 18.55
N GLY A 389 -5.01 21.89 18.11
CA GLY A 389 -6.30 22.57 18.11
C GLY A 389 -6.63 23.22 16.78
N ASP A 390 -5.64 23.37 15.90
CA ASP A 390 -5.88 23.97 14.59
C ASP A 390 -6.69 23.04 13.69
N GLU A 391 -7.64 23.62 12.97
CA GLU A 391 -8.44 22.86 12.04
C GLU A 391 -8.20 23.44 10.65
N VAL A 392 -7.92 22.55 9.70
CA VAL A 392 -7.68 22.94 8.33
C VAL A 392 -8.86 22.44 7.51
N ILE A 393 -9.43 23.31 6.68
CA ILE A 393 -10.56 22.93 5.85
C ILE A 393 -10.27 23.29 4.41
N ILE A 394 -10.32 22.29 3.54
CA ILE A 394 -10.06 22.48 2.13
C ILE A 394 -11.38 22.33 1.38
N THR A 395 -11.61 23.21 0.41
CA THR A 395 -12.81 23.15 -0.43
C THR A 395 -12.37 23.41 -1.87
N GLY A 396 -13.19 23.01 -2.83
CA GLY A 396 -12.88 23.21 -4.23
C GLY A 396 -14.15 23.36 -5.05
N HIS A 397 -14.14 24.24 -6.05
CA HIS A 397 -15.31 24.46 -6.90
C HIS A 397 -14.96 24.75 -8.35
N CYS A 398 -15.86 24.36 -9.23
CA CYS A 398 -15.75 24.63 -10.66
C CYS A 398 -16.93 25.55 -10.93
N GLN A 399 -16.65 26.73 -11.48
CA GLN A 399 -17.70 27.70 -11.76
C GLN A 399 -18.20 27.61 -13.20
N GLY A 400 -19.43 27.14 -13.35
CA GLY A 400 -20.03 27.04 -14.67
C GLY A 400 -20.97 28.21 -14.87
N ASP A 401 -21.68 28.22 -15.98
CA ASP A 401 -22.62 29.30 -16.26
C ASP A 401 -23.95 28.98 -15.60
N GLY A 402 -24.18 29.54 -14.42
CA GLY A 402 -25.41 29.29 -13.71
C GLY A 402 -25.39 28.16 -12.71
N TYR A 403 -24.21 27.60 -12.43
CA TYR A 403 -24.09 26.51 -11.48
C TYR A 403 -22.63 26.32 -11.06
N ARG A 404 -22.43 25.54 -10.00
CA ARG A 404 -21.10 25.24 -9.48
C ARG A 404 -21.01 23.75 -9.27
N VAL A 405 -19.83 23.19 -9.45
CA VAL A 405 -19.61 21.78 -9.19
C VAL A 405 -18.66 21.83 -7.99
N GLY A 406 -19.17 21.49 -6.82
CA GLY A 406 -18.37 21.51 -5.61
C GLY A 406 -17.95 20.16 -5.10
N PHE A 407 -16.97 20.16 -4.21
CA PHE A 407 -16.45 18.93 -3.65
C PHE A 407 -16.82 18.66 -2.20
N GLY A 408 -17.57 19.57 -1.60
CA GLY A 408 -17.91 19.41 -0.19
C GLY A 408 -16.67 19.90 0.52
N GLN A 409 -16.28 19.27 1.62
CA GLN A 409 -15.08 19.71 2.30
C GLN A 409 -14.17 18.59 2.79
N CYS A 410 -12.89 18.93 2.95
CA CYS A 410 -11.85 18.03 3.41
C CYS A 410 -11.34 18.69 4.69
N ALA A 411 -11.85 18.26 5.84
CA ALA A 411 -11.47 18.88 7.10
C ALA A 411 -10.80 17.98 8.10
N GLY A 412 -10.02 18.60 8.99
CA GLY A 412 -9.34 17.84 10.03
C GLY A 412 -8.81 18.76 11.11
N LYS A 413 -8.93 18.32 12.37
CA LYS A 413 -8.43 19.09 13.51
C LYS A 413 -7.26 18.34 14.14
N VAL A 414 -6.22 19.07 14.52
CA VAL A 414 -5.03 18.50 15.12
C VAL A 414 -5.23 18.28 16.62
N LEU A 415 -4.96 17.06 17.10
CA LEU A 415 -5.07 16.75 18.52
C LEU A 415 -3.66 16.71 19.10
N PRO A 416 -3.49 17.03 20.39
CA PRO A 416 -2.17 17.00 21.01
C PRO A 416 -1.60 15.59 21.00
N ALA A 417 -0.27 15.48 21.06
CA ALA A 417 0.39 14.18 21.06
C ALA A 417 0.11 13.45 22.37
N LEU A 418 0.03 12.13 22.31
CA LEU A 418 -0.21 11.30 23.49
C LEU A 418 0.93 11.40 24.50
N SER A 419 0.64 11.45 25.72
N GLY B 1 11.66 -35.04 19.55
CA GLY B 1 10.57 -35.22 18.55
C GLY B 1 9.22 -35.73 19.04
N SER B 2 8.27 -35.80 18.12
CA SER B 2 6.91 -36.26 18.36
C SER B 2 6.49 -36.77 17.01
N MET B 3 5.41 -37.54 16.94
CA MET B 3 4.98 -38.04 15.63
C MET B 3 3.49 -37.99 15.41
N SER B 4 3.13 -37.86 14.14
CA SER B 4 1.75 -37.80 13.71
C SER B 4 1.38 -39.17 13.18
N PHE B 5 0.08 -39.43 12.99
CA PHE B 5 -0.32 -40.70 12.42
C PHE B 5 -0.06 -40.63 10.92
N ILE B 6 0.25 -39.42 10.45
CA ILE B 6 0.58 -39.16 9.05
C ILE B 6 2.11 -39.32 9.00
N PRO B 7 2.60 -40.19 8.10
CA PRO B 7 4.04 -40.43 7.97
C PRO B 7 4.75 -39.19 7.43
N VAL B 8 5.82 -38.78 8.10
CA VAL B 8 6.57 -37.62 7.66
C VAL B 8 8.05 -37.97 7.47
N ALA B 9 8.56 -37.73 6.26
CA ALA B 9 9.96 -37.99 5.96
C ALA B 9 10.78 -37.12 6.91
N GLU B 10 11.88 -37.64 7.44
CA GLU B 10 12.71 -36.89 8.38
C GLU B 10 13.24 -35.56 7.84
N ASP B 11 13.34 -35.44 6.52
CA ASP B 11 13.82 -34.21 5.88
C ASP B 11 12.66 -33.30 5.45
N SER B 12 11.43 -33.73 5.67
CA SER B 12 10.25 -32.97 5.29
C SER B 12 10.18 -31.58 5.92
N ASP B 13 9.63 -30.64 5.16
CA ASP B 13 9.46 -29.28 5.63
C ASP B 13 8.28 -29.22 6.60
N PHE B 14 7.42 -30.23 6.52
CA PHE B 14 6.19 -30.21 7.31
C PHE B 14 5.90 -31.27 8.37
N PRO B 15 6.75 -31.35 9.42
CA PRO B 15 6.51 -32.34 10.47
C PRO B 15 5.45 -31.76 11.41
N ILE B 16 5.05 -32.53 12.42
CA ILE B 16 4.04 -32.07 13.36
C ILE B 16 4.52 -30.84 14.17
N GLN B 17 5.82 -30.58 14.16
CA GLN B 17 6.37 -29.43 14.88
C GLN B 17 6.20 -28.12 14.13
N ASN B 18 5.84 -28.20 12.85
CA ASN B 18 5.68 -26.99 12.04
C ASN B 18 4.22 -26.54 12.02
N LEU B 19 3.42 -27.17 11.15
CA LEU B 19 2.00 -26.88 10.98
C LEU B 19 1.69 -25.45 10.50
N PRO B 20 2.16 -25.11 9.27
CA PRO B 20 1.92 -23.78 8.71
C PRO B 20 0.52 -23.68 8.09
N TYR B 21 0.03 -22.45 7.96
CA TYR B 21 -1.30 -22.19 7.40
C TYR B 21 -1.23 -21.69 5.95
N GLY B 22 -2.17 -22.14 5.12
CA GLY B 22 -2.17 -21.71 3.74
C GLY B 22 -3.56 -21.74 3.15
N VAL B 23 -3.72 -21.18 1.96
CA VAL B 23 -5.02 -21.15 1.29
C VAL B 23 -4.85 -21.96 0.02
N PHE B 24 -5.73 -22.93 -0.20
CA PHE B 24 -5.62 -23.79 -1.37
C PHE B 24 -6.97 -24.14 -1.98
N SER B 25 -6.93 -24.70 -3.17
CA SER B 25 -8.10 -25.19 -3.87
C SER B 25 -7.62 -26.46 -4.57
N THR B 26 -8.53 -27.26 -5.10
CA THR B 26 -8.16 -28.50 -5.78
C THR B 26 -8.96 -28.59 -7.07
N GLN B 27 -8.66 -29.59 -7.90
CA GLN B 27 -9.41 -29.76 -9.15
C GLN B 27 -10.87 -30.11 -8.86
N SER B 28 -11.09 -30.89 -7.81
CA SER B 28 -12.45 -31.31 -7.43
C SER B 28 -13.29 -30.20 -6.79
N ASN B 29 -12.61 -29.22 -6.19
CA ASN B 29 -13.32 -28.12 -5.53
C ASN B 29 -12.52 -26.83 -5.69
N PRO B 30 -13.01 -25.89 -6.52
CA PRO B 30 -12.38 -24.60 -6.81
C PRO B 30 -12.40 -23.51 -5.74
N LYS B 31 -13.17 -23.70 -4.67
CA LYS B 31 -13.24 -22.68 -3.63
C LYS B 31 -11.97 -22.64 -2.78
N PRO B 32 -11.35 -21.47 -2.66
CA PRO B 32 -10.12 -21.36 -1.85
C PRO B 32 -10.50 -21.59 -0.40
N ARG B 33 -9.75 -22.43 0.31
CA ARG B 33 -10.04 -22.69 1.70
C ARG B 33 -8.77 -22.80 2.51
N ILE B 34 -8.90 -22.72 3.83
CA ILE B 34 -7.76 -22.78 4.71
C ILE B 34 -7.32 -24.20 5.05
N GLY B 35 -6.02 -24.42 4.94
CA GLY B 35 -5.46 -25.73 5.24
C GLY B 35 -4.14 -25.62 5.98
N VAL B 36 -3.71 -26.75 6.53
CA VAL B 36 -2.45 -26.82 7.26
C VAL B 36 -1.65 -27.95 6.64
N ALA B 37 -0.36 -27.72 6.42
CA ALA B 37 0.48 -28.74 5.83
C ALA B 37 1.02 -29.73 6.86
N ILE B 38 0.99 -31.00 6.51
CA ILE B 38 1.50 -32.06 7.37
C ILE B 38 2.00 -33.18 6.45
N GLY B 39 3.32 -33.40 6.48
CA GLY B 39 3.92 -34.40 5.62
C GLY B 39 3.73 -33.94 4.18
N ASP B 40 3.18 -34.81 3.34
CA ASP B 40 2.93 -34.46 1.95
C ASP B 40 1.43 -34.20 1.74
N GLN B 41 0.73 -34.02 2.86
CA GLN B 41 -0.72 -33.78 2.84
C GLN B 41 -1.10 -32.36 3.29
N ILE B 42 -2.37 -32.04 3.10
CA ILE B 42 -2.95 -30.77 3.52
C ILE B 42 -4.21 -31.14 4.30
N LEU B 43 -4.33 -30.62 5.52
CA LEU B 43 -5.50 -30.86 6.36
C LEU B 43 -6.40 -29.65 6.13
N ASP B 44 -7.61 -29.92 5.64
CA ASP B 44 -8.61 -28.90 5.34
C ASP B 44 -9.32 -28.46 6.64
N LEU B 45 -9.06 -27.24 7.10
CA LEU B 45 -9.68 -26.75 8.34
C LEU B 45 -11.17 -26.46 8.22
N SER B 46 -11.67 -26.18 7.03
CA SER B 46 -13.11 -25.92 6.87
C SER B 46 -13.91 -27.20 7.09
N VAL B 47 -13.26 -28.34 6.88
CA VAL B 47 -13.90 -29.64 7.06
C VAL B 47 -13.95 -30.02 8.56
N ILE B 48 -12.88 -29.72 9.29
CA ILE B 48 -12.81 -30.07 10.71
C ILE B 48 -13.04 -28.90 11.67
N LYS B 49 -13.53 -27.77 11.17
CA LYS B 49 -13.75 -26.58 12.02
C LYS B 49 -14.56 -26.85 13.29
N HIS B 50 -15.52 -27.77 13.20
CA HIS B 50 -16.37 -28.11 14.33
C HIS B 50 -15.65 -28.84 15.46
N LEU B 51 -14.40 -29.21 15.25
CA LEU B 51 -13.62 -29.90 16.27
C LEU B 51 -12.89 -28.92 17.18
N PHE B 52 -12.94 -27.63 16.84
CA PHE B 52 -12.29 -26.60 17.66
C PHE B 52 -13.31 -26.19 18.74
N THR B 53 -13.33 -26.96 19.83
CA THR B 53 -14.27 -26.73 20.92
C THR B 53 -13.75 -25.92 22.10
N GLY B 54 -12.53 -25.40 22.01
CA GLY B 54 -11.97 -24.62 23.09
C GLY B 54 -12.65 -23.27 23.27
N PRO B 55 -12.38 -22.56 24.38
CA PRO B 55 -12.97 -21.26 24.68
C PRO B 55 -12.72 -20.16 23.63
N ALA B 56 -11.49 -20.03 23.16
CA ALA B 56 -11.15 -19.00 22.18
C ALA B 56 -11.77 -19.19 20.79
N LEU B 57 -11.82 -20.43 20.32
CA LEU B 57 -12.34 -20.70 18.98
C LEU B 57 -13.80 -21.11 18.82
N SER B 58 -14.42 -21.62 19.89
CA SER B 58 -15.81 -22.05 19.82
C SER B 58 -16.74 -21.03 19.17
N LYS B 59 -16.67 -19.79 19.64
CA LYS B 59 -17.53 -18.73 19.11
C LYS B 59 -17.05 -18.16 17.77
N HIS B 60 -15.88 -18.59 17.31
CA HIS B 60 -15.33 -18.07 16.05
C HIS B 60 -14.95 -19.12 15.00
N GLN B 61 -15.62 -20.27 15.01
CA GLN B 61 -15.33 -21.33 14.07
C GLN B 61 -15.48 -20.96 12.59
N HIS B 62 -16.19 -19.86 12.32
CA HIS B 62 -16.39 -19.41 10.95
C HIS B 62 -15.11 -18.88 10.31
N VAL B 63 -14.11 -18.51 11.11
CA VAL B 63 -12.87 -17.99 10.52
C VAL B 63 -12.20 -19.04 9.65
N PHE B 64 -12.55 -20.31 9.85
CA PHE B 64 -11.97 -21.40 9.06
C PHE B 64 -12.75 -21.69 7.79
N ASP B 65 -13.81 -20.93 7.56
CA ASP B 65 -14.64 -21.07 6.36
C ASP B 65 -14.26 -19.98 5.35
N GLU B 66 -13.43 -19.04 5.80
CA GLU B 66 -12.99 -17.91 4.97
C GLU B 66 -12.07 -18.32 3.82
N THR B 67 -11.92 -17.43 2.85
CA THR B 67 -11.04 -17.67 1.71
C THR B 67 -9.65 -17.06 1.94
N THR B 68 -9.47 -16.40 3.08
CA THR B 68 -8.19 -15.76 3.44
C THR B 68 -7.99 -15.94 4.94
N LEU B 69 -6.75 -15.79 5.39
CA LEU B 69 -6.42 -15.93 6.80
C LEU B 69 -6.61 -14.66 7.63
N ASN B 70 -7.01 -13.55 7.01
CA ASN B 70 -7.16 -12.27 7.72
C ASN B 70 -7.91 -12.33 9.03
N ASN B 71 -9.11 -12.88 9.02
CA ASN B 71 -9.92 -12.96 10.25
C ASN B 71 -9.24 -13.79 11.33
N PHE B 72 -8.60 -14.87 10.94
CA PHE B 72 -7.90 -15.73 11.89
C PHE B 72 -6.70 -14.97 12.48
N MET B 73 -6.00 -14.22 11.63
CA MET B 73 -4.85 -13.44 12.07
C MET B 73 -5.29 -12.37 13.04
N GLY B 74 -6.46 -11.79 12.77
CA GLY B 74 -6.99 -10.74 13.63
C GLY B 74 -7.41 -11.20 15.02
N LEU B 75 -7.70 -12.49 15.18
CA LEU B 75 -8.13 -13.02 16.47
C LEU B 75 -7.14 -12.89 17.62
N GLY B 76 -5.86 -12.89 17.32
CA GLY B 76 -4.87 -12.76 18.39
C GLY B 76 -4.30 -14.04 18.95
N GLN B 77 -3.26 -13.89 19.77
CA GLN B 77 -2.54 -15.00 20.40
C GLN B 77 -3.32 -16.14 21.02
N ALA B 78 -4.32 -15.81 21.83
CA ALA B 78 -5.11 -16.84 22.51
C ALA B 78 -5.70 -17.82 21.51
N ALA B 79 -6.29 -17.30 20.44
CA ALA B 79 -6.90 -18.13 19.41
C ALA B 79 -5.82 -18.94 18.65
N TRP B 80 -4.69 -18.29 18.35
CA TRP B 80 -3.60 -18.94 17.63
C TRP B 80 -3.07 -20.13 18.42
N LYS B 81 -2.76 -19.92 19.70
CA LYS B 81 -2.23 -20.98 20.53
C LYS B 81 -3.23 -22.11 20.71
N GLU B 82 -4.51 -21.77 20.80
CA GLU B 82 -5.52 -22.79 20.97
C GLU B 82 -5.63 -23.65 19.72
N ALA B 83 -5.62 -23.00 18.55
CA ALA B 83 -5.74 -23.70 17.28
C ALA B 83 -4.55 -24.66 17.12
N ARG B 84 -3.35 -24.20 17.46
CA ARG B 84 -2.16 -25.01 17.35
C ARG B 84 -2.22 -26.23 18.28
N ALA B 85 -2.65 -26.00 19.51
CA ALA B 85 -2.75 -27.09 20.49
C ALA B 85 -3.74 -28.15 20.01
N SER B 86 -4.89 -27.70 19.51
CA SER B 86 -5.90 -28.61 19.00
C SER B 86 -5.36 -29.44 17.84
N LEU B 87 -4.66 -28.79 16.92
CA LEU B 87 -4.10 -29.48 15.75
C LEU B 87 -3.04 -30.49 16.13
N GLN B 88 -2.15 -30.12 17.04
CA GLN B 88 -1.10 -31.03 17.46
C GLN B 88 -1.68 -32.26 18.14
N ASN B 89 -2.76 -32.06 18.88
CA ASN B 89 -3.41 -33.18 19.55
C ASN B 89 -4.13 -34.04 18.52
N LEU B 90 -4.89 -33.39 17.63
CA LEU B 90 -5.64 -34.08 16.60
C LEU B 90 -4.78 -34.88 15.63
N LEU B 91 -3.61 -34.36 15.29
CA LEU B 91 -2.71 -35.03 14.37
C LEU B 91 -1.75 -36.01 15.04
N SER B 92 -1.76 -36.02 16.36
CA SER B 92 -0.90 -36.91 17.14
C SER B 92 -1.19 -38.38 16.84
N ALA B 93 -0.14 -39.20 16.79
CA ALA B 93 -0.30 -40.62 16.51
C ALA B 93 -1.05 -41.36 17.62
N SER B 94 -1.09 -40.76 18.80
CA SER B 94 -1.77 -41.34 19.96
C SER B 94 -3.25 -40.97 20.06
N GLN B 95 -3.66 -39.95 19.31
CA GLN B 95 -5.05 -39.51 19.35
C GLN B 95 -5.89 -40.28 18.33
N ALA B 96 -7.04 -40.76 18.77
CA ALA B 96 -7.93 -41.54 17.92
C ALA B 96 -9.01 -40.75 17.20
N ARG B 97 -9.43 -39.62 17.77
CA ARG B 97 -10.50 -38.81 17.19
C ARG B 97 -10.50 -38.69 15.66
N LEU B 98 -9.42 -38.14 15.12
CA LEU B 98 -9.31 -37.98 13.67
C LEU B 98 -8.70 -39.23 13.03
N ARG B 99 -7.63 -39.74 13.64
CA ARG B 99 -6.92 -40.92 13.15
C ARG B 99 -7.83 -42.10 12.80
N ASP B 100 -8.79 -42.40 13.67
CA ASP B 100 -9.68 -43.54 13.45
C ASP B 100 -11.01 -43.22 12.79
N ASP B 101 -11.22 -41.97 12.42
CA ASP B 101 -12.46 -41.59 11.76
C ASP B 101 -12.21 -41.67 10.24
N LYS B 102 -12.25 -42.89 9.71
CA LYS B 102 -12.04 -43.15 8.29
C LYS B 102 -12.80 -42.21 7.35
N GLU B 103 -14.07 -41.99 7.67
CA GLU B 103 -14.93 -41.13 6.87
C GLU B 103 -14.45 -39.67 6.85
N LEU B 104 -14.17 -39.12 8.03
CA LEU B 104 -13.70 -37.74 8.14
C LEU B 104 -12.33 -37.56 7.50
N ARG B 105 -11.41 -38.48 7.76
CA ARG B 105 -10.06 -38.41 7.20
C ARG B 105 -10.11 -38.30 5.68
N GLN B 106 -11.04 -39.03 5.07
CA GLN B 106 -11.20 -38.99 3.63
C GLN B 106 -11.56 -37.62 3.11
N ARG B 107 -12.43 -36.92 3.83
CA ARG B 107 -12.85 -35.58 3.42
C ARG B 107 -11.89 -34.48 3.88
N ALA B 108 -11.14 -34.74 4.95
CA ALA B 108 -10.23 -33.76 5.51
C ALA B 108 -8.83 -33.63 4.92
N PHE B 109 -8.28 -34.72 4.37
CA PHE B 109 -6.93 -34.65 3.82
C PHE B 109 -6.87 -34.66 2.30
N THR B 110 -5.90 -33.93 1.76
CA THR B 110 -5.68 -33.87 0.32
C THR B 110 -4.17 -33.85 0.09
N SER B 111 -3.71 -34.49 -0.97
CA SER B 111 -2.29 -34.50 -1.29
C SER B 111 -1.88 -33.09 -1.75
N GLN B 112 -0.70 -32.65 -1.35
CA GLN B 112 -0.20 -31.34 -1.75
C GLN B 112 -0.01 -31.31 -3.27
N ALA B 113 0.26 -32.48 -3.85
CA ALA B 113 0.45 -32.61 -5.29
C ALA B 113 -0.81 -32.24 -6.07
N SER B 114 -1.97 -32.38 -5.44
CA SER B 114 -3.25 -32.07 -6.09
C SER B 114 -3.76 -30.66 -5.80
N ALA B 115 -3.05 -29.89 -4.98
CA ALA B 115 -3.51 -28.56 -4.62
C ALA B 115 -2.87 -27.40 -5.37
N THR B 116 -3.64 -26.32 -5.46
CA THR B 116 -3.19 -25.09 -6.09
C THR B 116 -3.19 -24.08 -4.95
N MET B 117 -2.02 -23.50 -4.68
CA MET B 117 -1.92 -22.53 -3.59
C MET B 117 -2.29 -21.12 -4.04
N HIS B 118 -2.86 -20.36 -3.11
CA HIS B 118 -3.29 -18.98 -3.37
C HIS B 118 -2.61 -18.09 -2.33
N LEU B 119 -2.68 -16.78 -2.53
CA LEU B 119 -2.10 -15.86 -1.55
C LEU B 119 -2.83 -16.18 -0.23
N PRO B 120 -2.08 -16.30 0.88
CA PRO B 120 -2.66 -16.59 2.19
C PRO B 120 -3.58 -15.53 2.81
N ALA B 121 -3.47 -14.29 2.35
CA ALA B 121 -4.28 -13.21 2.90
C ALA B 121 -4.43 -12.03 1.95
N THR B 122 -5.38 -11.15 2.27
CA THR B 122 -5.59 -9.94 1.50
C THR B 122 -4.65 -8.97 2.20
N ILE B 123 -3.57 -8.59 1.52
CA ILE B 123 -2.56 -7.69 2.09
C ILE B 123 -2.97 -6.23 1.92
N GLY B 124 -3.39 -5.61 3.02
CA GLY B 124 -3.82 -4.22 3.00
C GLY B 124 -2.71 -3.25 2.67
N ASP B 125 -1.55 -3.47 3.28
CA ASP B 125 -0.38 -2.63 3.06
C ASP B 125 0.84 -3.52 3.15
N TYR B 126 1.88 -3.16 2.41
CA TYR B 126 3.12 -3.90 2.38
C TYR B 126 4.26 -2.89 2.59
N THR B 127 5.17 -3.21 3.50
CA THR B 127 6.30 -2.35 3.79
C THR B 127 7.58 -3.17 3.69
N ASP B 128 8.60 -2.59 3.09
CA ASP B 128 9.86 -3.28 2.94
C ASP B 128 10.93 -2.52 3.70
N PHE B 129 11.65 -3.21 4.57
CA PHE B 129 12.73 -2.60 5.34
C PHE B 129 14.08 -2.75 4.63
N TYR B 130 15.15 -2.28 5.27
CA TYR B 130 16.50 -2.29 4.70
C TYR B 130 17.43 -2.67 5.87
N SER B 131 17.01 -3.66 6.64
CA SER B 131 17.71 -4.04 7.86
C SER B 131 18.96 -4.92 7.91
N SER B 132 19.50 -5.33 6.77
CA SER B 132 20.72 -6.16 6.77
C SER B 132 21.90 -5.20 6.64
N ARG B 133 22.73 -5.10 7.68
CA ARG B 133 23.87 -4.19 7.65
C ARG B 133 24.83 -4.46 6.49
N GLN B 134 25.10 -5.72 6.19
CA GLN B 134 26.01 -6.02 5.08
C GLN B 134 25.41 -5.62 3.74
N HIS B 135 24.11 -5.86 3.58
CA HIS B 135 23.45 -5.49 2.33
C HIS B 135 23.53 -3.98 2.12
N ALA B 136 23.14 -3.21 3.13
CA ALA B 136 23.17 -1.76 3.06
C ALA B 136 24.59 -1.25 2.79
N THR B 137 25.58 -1.85 3.45
CA THR B 137 26.98 -1.44 3.26
C THR B 137 27.43 -1.76 1.82
N ASN B 138 27.14 -2.96 1.34
CA ASN B 138 27.52 -3.36 -0.02
C ASN B 138 26.94 -2.40 -1.06
N VAL B 139 25.64 -2.18 -1.00
CA VAL B 139 24.98 -1.28 -1.93
C VAL B 139 25.56 0.14 -1.80
N GLY B 140 25.78 0.57 -0.56
CA GLY B 140 26.35 1.88 -0.33
C GLY B 140 27.73 2.03 -0.95
N ILE B 141 28.56 1.00 -0.84
CA ILE B 141 29.90 1.02 -1.42
C ILE B 141 29.82 1.14 -2.94
N MET B 142 28.96 0.34 -3.55
CA MET B 142 28.80 0.35 -5.00
C MET B 142 28.29 1.67 -5.58
N PHE B 143 27.43 2.38 -4.87
CA PHE B 143 26.87 3.63 -5.37
C PHE B 143 27.40 4.93 -4.77
N ARG B 144 28.03 4.86 -3.61
CA ARG B 144 28.53 6.07 -2.94
C ARG B 144 30.00 6.02 -2.56
N GLY B 145 30.58 4.84 -2.58
CA GLY B 145 31.97 4.69 -2.18
C GLY B 145 31.98 4.25 -0.74
N LYS B 146 32.99 3.48 -0.34
CA LYS B 146 33.08 2.96 1.02
C LYS B 146 32.98 4.04 2.10
N GLU B 147 33.54 5.20 1.82
CA GLU B 147 33.53 6.32 2.77
C GLU B 147 32.12 6.79 3.11
N ASN B 148 31.21 6.69 2.14
CA ASN B 148 29.84 7.15 2.35
C ASN B 148 28.82 6.03 2.16
N ALA B 149 29.21 4.80 2.44
CA ALA B 149 28.34 3.63 2.28
C ALA B 149 27.03 3.72 3.06
N LEU B 150 27.12 3.80 4.38
CA LEU B 150 25.93 3.91 5.23
C LEU B 150 25.62 5.38 5.51
N LEU B 151 24.39 5.80 5.19
CA LEU B 151 23.97 7.18 5.44
C LEU B 151 23.79 7.32 6.96
N PRO B 152 23.95 8.55 7.50
CA PRO B 152 23.82 8.80 8.95
C PRO B 152 22.63 8.24 9.76
N ASN B 153 21.48 8.08 9.13
CA ASN B 153 20.31 7.57 9.85
C ASN B 153 20.18 6.06 9.99
N TRP B 154 20.91 5.29 9.18
CA TRP B 154 20.78 3.82 9.20
C TRP B 154 20.95 3.15 10.55
N LEU B 155 21.97 3.53 11.30
CA LEU B 155 22.22 2.91 12.61
C LEU B 155 21.31 3.41 13.73
N HIS B 156 20.42 4.35 13.42
CA HIS B 156 19.51 4.91 14.42
C HIS B 156 18.05 4.50 14.33
N LEU B 157 17.62 4.07 13.16
CA LEU B 157 16.23 3.63 12.99
C LEU B 157 16.13 2.64 11.86
N PRO B 158 15.18 1.69 11.96
CA PRO B 158 15.04 0.71 10.89
C PRO B 158 14.40 1.37 9.66
N VAL B 159 15.25 1.82 8.74
CA VAL B 159 14.82 2.48 7.51
C VAL B 159 13.96 1.54 6.67
N GLY B 160 12.92 2.10 6.04
CA GLY B 160 12.02 1.31 5.21
C GLY B 160 11.19 2.18 4.28
N TYR B 161 10.43 1.56 3.39
CA TYR B 161 9.58 2.31 2.47
C TYR B 161 8.31 1.51 2.20
N HIS B 162 7.25 2.19 1.79
CA HIS B 162 5.99 1.53 1.48
C HIS B 162 6.15 0.84 0.12
N GLY B 163 5.76 -0.43 0.04
CA GLY B 163 5.83 -1.15 -1.23
C GLY B 163 4.47 -1.18 -1.91
N ARG B 164 4.38 -1.90 -3.03
CA ARG B 164 3.13 -2.01 -3.77
C ARG B 164 2.47 -3.33 -3.40
N ALA B 165 1.27 -3.26 -2.84
CA ALA B 165 0.55 -4.45 -2.42
C ALA B 165 -0.06 -5.30 -3.55
N SER B 166 -0.62 -4.65 -4.57
CA SER B 166 -1.27 -5.37 -5.66
C SER B 166 -0.40 -6.38 -6.41
N SER B 167 0.88 -6.07 -6.57
CA SER B 167 1.79 -6.94 -7.31
C SER B 167 2.50 -8.02 -6.52
N ILE B 168 2.04 -8.28 -5.30
CA ILE B 168 2.62 -9.35 -4.51
C ILE B 168 1.88 -10.60 -5.02
N VAL B 169 2.64 -11.57 -5.54
CA VAL B 169 2.05 -12.78 -6.10
C VAL B 169 2.57 -14.04 -5.39
N VAL B 170 1.81 -15.12 -5.51
CA VAL B 170 2.17 -16.37 -4.87
C VAL B 170 3.22 -17.12 -5.68
N SER B 171 3.99 -17.94 -4.97
CA SER B 171 5.05 -18.75 -5.57
C SER B 171 4.56 -19.48 -6.82
N GLY B 172 5.35 -19.42 -7.88
CA GLY B 172 4.99 -20.09 -9.13
C GLY B 172 4.50 -19.15 -10.21
N THR B 173 4.17 -17.91 -9.83
CA THR B 173 3.67 -16.93 -10.78
C THR B 173 4.78 -16.37 -11.65
N PRO B 174 4.63 -16.45 -12.99
CA PRO B 174 5.63 -15.95 -13.93
C PRO B 174 5.79 -14.42 -13.80
N ILE B 175 7.02 -13.94 -13.86
CA ILE B 175 7.29 -12.50 -13.75
C ILE B 175 7.84 -12.01 -15.09
N ARG B 176 7.17 -11.04 -15.71
CA ARG B 176 7.60 -10.53 -17.00
C ARG B 176 8.62 -9.40 -16.85
N ARG B 177 9.71 -9.48 -17.62
CA ARG B 177 10.74 -8.44 -17.59
C ARG B 177 10.02 -7.12 -17.87
N PRO B 178 10.19 -6.12 -17.00
CA PRO B 178 9.53 -4.83 -17.19
C PRO B 178 10.11 -3.85 -18.20
N MET B 179 9.22 -3.04 -18.77
CA MET B 179 9.55 -1.97 -19.70
C MET B 179 9.59 -0.74 -18.79
N GLY B 180 10.35 0.27 -19.17
CA GLY B 180 10.39 1.47 -18.36
C GLY B 180 11.34 2.50 -18.92
N GLN B 181 11.56 3.55 -18.15
CA GLN B 181 12.45 4.62 -18.53
C GLN B 181 13.78 4.36 -17.83
N MET B 182 14.89 4.51 -18.56
CA MET B 182 16.23 4.30 -17.99
C MET B 182 17.13 5.40 -18.53
N ARG B 183 18.27 5.60 -17.89
CA ARG B 183 19.21 6.60 -18.37
C ARG B 183 20.61 6.02 -18.24
N PRO B 184 21.01 5.15 -19.18
CA PRO B 184 22.33 4.51 -19.16
C PRO B 184 23.41 5.56 -19.38
N ASP B 185 23.19 6.43 -20.36
CA ASP B 185 24.14 7.46 -20.70
C ASP B 185 23.80 8.78 -20.02
N ASN B 186 24.63 9.16 -19.07
CA ASN B 186 24.47 10.39 -18.32
C ASN B 186 24.47 11.63 -19.22
N SER B 187 25.17 11.55 -20.35
CA SER B 187 25.24 12.68 -21.27
C SER B 187 24.14 12.68 -22.34
N LYS B 188 23.17 11.79 -22.20
CA LYS B 188 22.06 11.69 -23.17
C LYS B 188 20.71 11.62 -22.49
N PRO B 189 19.62 11.86 -23.25
CA PRO B 189 18.28 11.81 -22.68
C PRO B 189 17.91 10.39 -22.26
N PRO B 190 16.94 10.24 -21.36
CA PRO B 190 16.56 8.89 -20.95
C PRO B 190 15.93 8.17 -22.14
N VAL B 191 15.88 6.84 -22.08
CA VAL B 191 15.29 6.05 -23.15
C VAL B 191 14.20 5.16 -22.57
N TYR B 192 13.32 4.69 -23.43
CA TYR B 192 12.26 3.79 -23.01
C TYR B 192 12.60 2.43 -23.59
N GLY B 193 12.52 1.38 -22.77
CA GLY B 193 12.84 0.06 -23.27
C GLY B 193 12.80 -0.98 -22.18
N ALA B 194 13.15 -2.21 -22.52
CA ALA B 194 13.16 -3.32 -21.58
C ALA B 194 14.31 -3.19 -20.56
N CYS B 195 14.01 -3.55 -19.32
CA CYS B 195 14.96 -3.52 -18.23
C CYS B 195 16.14 -4.43 -18.57
N ARG B 196 17.35 -3.95 -18.32
CA ARG B 196 18.56 -4.73 -18.58
C ARG B 196 19.18 -5.32 -17.31
N LEU B 197 18.89 -4.71 -16.17
CA LEU B 197 19.43 -5.16 -14.90
C LEU B 197 18.32 -5.71 -13.99
N LEU B 198 17.79 -6.88 -14.36
CA LEU B 198 16.73 -7.54 -13.59
C LEU B 198 17.42 -8.36 -12.50
N ASP B 199 16.97 -8.21 -11.27
CA ASP B 199 17.58 -8.87 -10.14
C ASP B 199 16.53 -9.42 -9.15
N MET B 200 16.97 -10.29 -8.26
CA MET B 200 16.12 -10.85 -7.23
C MET B 200 16.66 -10.31 -5.91
N GLU B 201 15.87 -10.41 -4.85
CA GLU B 201 16.31 -9.97 -3.53
C GLU B 201 15.78 -10.94 -2.50
N LEU B 202 16.68 -11.67 -1.87
CA LEU B 202 16.33 -12.64 -0.84
C LEU B 202 15.84 -11.93 0.43
N GLU B 203 14.59 -12.20 0.81
CA GLU B 203 14.01 -11.61 2.01
C GLU B 203 13.05 -12.55 2.71
N MET B 204 12.70 -12.18 3.93
CA MET B 204 11.70 -12.89 4.71
C MET B 204 10.71 -11.80 5.10
N ALA B 205 9.46 -12.19 5.33
CA ALA B 205 8.44 -11.21 5.71
C ALA B 205 7.51 -11.82 6.74
N PHE B 206 6.87 -10.97 7.55
CA PHE B 206 5.93 -11.46 8.54
C PHE B 206 4.59 -10.76 8.39
N PHE B 207 3.54 -11.48 8.78
CA PHE B 207 2.19 -10.97 8.73
C PHE B 207 1.77 -10.42 10.09
N VAL B 208 1.02 -9.33 10.06
CA VAL B 208 0.52 -8.70 11.26
C VAL B 208 -0.77 -9.39 11.68
N GLY B 209 -0.94 -9.56 12.99
CA GLY B 209 -2.13 -10.18 13.56
C GLY B 209 -3.14 -9.08 13.88
N PRO B 210 -3.54 -8.92 15.15
CA PRO B 210 -4.53 -7.92 15.60
C PRO B 210 -4.34 -6.48 15.12
N GLY B 211 -3.13 -5.94 15.21
CA GLY B 211 -2.95 -4.56 14.77
C GLY B 211 -3.38 -3.54 15.81
N ASN B 212 -3.21 -2.26 15.50
CA ASN B 212 -3.52 -1.18 16.44
C ASN B 212 -4.54 -0.15 15.96
N ARG B 213 -5.10 0.60 16.90
CA ARG B 213 -6.07 1.65 16.57
C ARG B 213 -5.32 2.83 15.96
N PHE B 214 -5.96 3.50 15.01
CA PHE B 214 -5.42 4.67 14.36
C PHE B 214 -5.03 5.69 15.44
N GLY B 215 -3.77 6.11 15.43
CA GLY B 215 -3.31 7.08 16.40
C GLY B 215 -2.67 6.52 17.67
N GLU B 216 -2.65 5.19 17.80
CA GLU B 216 -2.09 4.56 18.99
C GLU B 216 -0.89 3.67 18.68
N PRO B 217 0.31 4.07 19.14
CA PRO B 217 1.55 3.32 18.94
C PRO B 217 1.50 1.94 19.59
N ILE B 218 2.34 1.02 19.11
CA ILE B 218 2.42 -0.30 19.70
C ILE B 218 3.72 -0.30 20.50
N PRO B 219 3.63 -0.43 21.84
CA PRO B 219 4.82 -0.45 22.70
C PRO B 219 5.67 -1.66 22.33
N ILE B 220 6.99 -1.50 22.35
CA ILE B 220 7.86 -2.61 21.99
C ILE B 220 7.67 -3.84 22.85
N SER B 221 7.25 -3.65 24.11
CA SER B 221 7.02 -4.77 25.02
C SER B 221 5.80 -5.61 24.58
N LYS B 222 4.93 -5.02 23.77
CA LYS B 222 3.72 -5.70 23.29
C LYS B 222 3.83 -6.14 21.84
N ALA B 223 4.88 -5.67 21.15
CA ALA B 223 5.08 -5.98 19.73
C ALA B 223 4.92 -7.44 19.34
N HIS B 224 5.46 -8.33 20.15
CA HIS B 224 5.40 -9.77 19.87
C HIS B 224 3.99 -10.36 19.80
N GLU B 225 3.02 -9.67 20.36
CA GLU B 225 1.63 -10.15 20.35
C GLU B 225 0.97 -9.89 19.00
N HIS B 226 1.60 -9.07 18.16
CA HIS B 226 1.04 -8.74 16.86
C HIS B 226 1.67 -9.43 15.66
N ILE B 227 2.61 -10.33 15.91
CA ILE B 227 3.27 -11.01 14.82
C ILE B 227 2.71 -12.40 14.68
N PHE B 228 2.06 -12.66 13.54
CA PHE B 228 1.44 -13.95 13.29
C PHE B 228 2.38 -15.06 12.83
N GLY B 229 3.06 -14.83 11.71
CA GLY B 229 3.95 -15.84 11.17
C GLY B 229 4.73 -15.28 10.02
N MET B 230 5.59 -16.12 9.43
CA MET B 230 6.48 -15.70 8.35
C MET B 230 6.38 -16.46 7.05
N VAL B 231 6.90 -15.84 6.00
CA VAL B 231 6.95 -16.42 4.66
C VAL B 231 8.27 -15.97 4.02
N LEU B 232 8.67 -16.65 2.94
CA LEU B 232 9.87 -16.29 2.20
C LEU B 232 9.43 -15.25 1.17
N MET B 233 10.35 -14.41 0.73
CA MET B 233 9.98 -13.42 -0.26
C MET B 233 11.11 -13.12 -1.23
N ASN B 234 10.74 -12.84 -2.48
CA ASN B 234 11.70 -12.45 -3.49
C ASN B 234 11.22 -11.10 -4.03
N ASP B 235 11.91 -10.04 -3.63
CA ASP B 235 11.56 -8.70 -4.08
C ASP B 235 12.22 -8.41 -5.43
N TRP B 236 11.61 -8.89 -6.51
CA TRP B 236 12.14 -8.70 -7.86
C TRP B 236 12.43 -7.21 -8.07
N SER B 237 13.63 -6.92 -8.57
CA SER B 237 14.05 -5.54 -8.79
C SER B 237 14.62 -5.24 -10.17
N ALA B 238 14.24 -4.10 -10.73
CA ALA B 238 14.74 -3.64 -12.03
C ALA B 238 15.66 -2.47 -11.64
N ARG B 239 16.93 -2.79 -11.41
CA ARG B 239 17.95 -1.84 -10.96
C ARG B 239 18.16 -0.58 -11.80
N ASP B 240 18.18 -0.73 -13.12
CA ASP B 240 18.37 0.43 -14.00
C ASP B 240 17.17 1.38 -13.95
N ILE B 241 15.97 0.83 -13.91
CA ILE B 241 14.77 1.66 -13.82
C ILE B 241 14.79 2.41 -12.49
N GLN B 242 15.14 1.70 -11.41
CA GLN B 242 15.18 2.31 -10.09
C GLN B 242 16.19 3.44 -9.97
N GLN B 243 17.40 3.22 -10.47
CA GLN B 243 18.46 4.21 -10.38
C GLN B 243 18.08 5.58 -10.92
N TRP B 244 17.35 5.60 -12.02
CA TRP B 244 16.92 6.83 -12.67
C TRP B 244 15.76 7.51 -11.93
N GLU B 245 14.82 6.70 -11.46
CA GLU B 245 13.62 7.21 -10.80
C GLU B 245 13.66 7.54 -9.31
N TYR B 246 14.46 6.81 -8.55
CA TYR B 246 14.40 6.92 -7.11
C TYR B 246 14.82 8.12 -6.27
N VAL B 247 15.39 9.14 -6.87
CA VAL B 247 15.78 10.30 -6.08
C VAL B 247 14.72 11.37 -6.35
N PRO B 248 14.17 12.00 -5.30
CA PRO B 248 14.48 11.76 -3.89
C PRO B 248 13.36 11.06 -3.11
N LEU B 249 12.37 10.53 -3.81
CA LEU B 249 11.23 9.91 -3.13
C LEU B 249 11.27 8.39 -2.92
N GLY B 250 12.32 7.73 -3.41
CA GLY B 250 12.45 6.30 -3.18
C GLY B 250 12.11 5.33 -4.30
N PRO B 251 12.27 4.02 -4.05
CA PRO B 251 11.99 2.97 -5.04
C PRO B 251 10.51 3.00 -5.42
N PHE B 252 10.23 2.89 -6.71
CA PHE B 252 8.85 2.95 -7.19
C PHE B 252 8.61 1.85 -8.24
N LEU B 253 8.72 2.18 -9.53
CA LEU B 253 8.52 1.20 -10.59
C LEU B 253 9.61 0.11 -10.61
N GLY B 254 10.77 0.42 -10.04
CA GLY B 254 11.85 -0.54 -10.00
C GLY B 254 11.56 -1.73 -9.11
N LYS B 255 10.48 -1.65 -8.32
CA LYS B 255 10.09 -2.72 -7.40
C LYS B 255 8.67 -3.25 -7.60
N SER B 256 7.76 -2.38 -8.00
CA SER B 256 6.34 -2.74 -8.12
C SER B 256 5.85 -3.67 -9.22
N PHE B 257 6.71 -4.09 -10.14
CA PHE B 257 6.24 -4.98 -11.20
C PHE B 257 6.03 -6.39 -10.68
N GLY B 258 6.51 -6.67 -9.47
CA GLY B 258 6.32 -7.99 -8.93
C GLY B 258 7.15 -8.29 -7.70
N THR B 259 6.55 -9.01 -6.75
CA THR B 259 7.19 -9.41 -5.50
C THR B 259 6.54 -10.77 -5.21
N THR B 260 7.34 -11.81 -5.02
CA THR B 260 6.79 -13.14 -4.75
C THR B 260 6.95 -13.60 -3.31
N ILE B 261 5.94 -14.29 -2.79
CA ILE B 261 6.05 -14.84 -1.44
C ILE B 261 5.67 -16.31 -1.49
N SER B 262 6.21 -17.08 -0.55
CA SER B 262 5.90 -18.50 -0.45
C SER B 262 4.46 -18.56 0.11
N PRO B 263 3.71 -19.63 -0.19
CA PRO B 263 2.33 -19.75 0.29
C PRO B 263 2.04 -20.23 1.70
N TRP B 264 2.99 -20.89 2.36
CA TRP B 264 2.77 -21.42 3.71
C TRP B 264 3.25 -20.46 4.80
N VAL B 265 2.32 -19.97 5.62
CA VAL B 265 2.67 -19.06 6.69
C VAL B 265 3.07 -19.85 7.93
N VAL B 266 4.36 -19.83 8.23
CA VAL B 266 4.89 -20.53 9.39
C VAL B 266 4.66 -19.67 10.64
N PRO B 267 3.86 -20.17 11.60
CA PRO B 267 3.56 -19.44 12.83
C PRO B 267 4.77 -19.22 13.73
N MET B 268 4.80 -18.09 14.43
CA MET B 268 5.92 -17.78 15.31
C MET B 268 6.20 -18.87 16.33
N ASP B 269 5.14 -19.54 16.81
CA ASP B 269 5.32 -20.62 17.78
C ASP B 269 6.20 -21.73 17.23
N ALA B 270 6.11 -21.98 15.92
CA ALA B 270 6.92 -23.01 15.29
C ALA B 270 8.39 -22.58 15.19
N LEU B 271 8.64 -21.27 15.21
CA LEU B 271 9.99 -20.74 15.09
C LEU B 271 10.69 -20.46 16.42
N MET B 272 9.94 -20.40 17.52
CA MET B 272 10.53 -20.13 18.82
C MET B 272 11.69 -21.02 19.26
N PRO B 273 11.67 -22.32 18.91
CA PRO B 273 12.79 -23.18 19.32
C PRO B 273 14.11 -22.78 18.66
N PHE B 274 14.02 -21.93 17.64
CA PHE B 274 15.20 -21.51 16.89
C PHE B 274 15.62 -20.07 17.13
N VAL B 275 15.08 -19.48 18.19
CA VAL B 275 15.41 -18.11 18.54
C VAL B 275 16.80 -18.06 19.19
N VAL B 276 17.51 -16.97 18.95
CA VAL B 276 18.84 -16.75 19.49
C VAL B 276 18.89 -15.30 19.98
N PRO B 277 19.85 -14.95 20.84
CA PRO B 277 19.89 -13.56 21.31
C PRO B 277 20.14 -12.56 20.17
N ASN B 278 19.60 -11.36 20.32
CA ASN B 278 19.71 -10.32 19.31
C ASN B 278 21.12 -9.77 19.15
N PRO B 279 21.47 -9.32 17.93
CA PRO B 279 22.79 -8.75 17.65
C PRO B 279 23.00 -7.51 18.52
N LYS B 280 24.23 -7.29 18.97
CA LYS B 280 24.51 -6.10 19.77
C LYS B 280 24.41 -4.89 18.85
N GLN B 281 23.78 -3.82 19.32
CA GLN B 281 23.65 -2.62 18.49
C GLN B 281 24.45 -1.47 19.09
N ASP B 282 25.25 -0.84 18.24
CA ASP B 282 26.07 0.29 18.66
C ASP B 282 26.08 1.25 17.47
N PRO B 283 25.63 2.50 17.67
CA PRO B 283 25.12 3.07 18.92
C PRO B 283 23.86 2.40 19.46
N LYS B 284 23.63 2.59 20.75
CA LYS B 284 22.46 2.02 21.42
C LYS B 284 21.20 2.73 20.91
N PRO B 285 20.12 1.98 20.66
CA PRO B 285 18.86 2.53 20.16
C PRO B 285 18.17 3.41 21.20
N LEU B 286 17.31 4.31 20.73
CA LEU B 286 16.54 5.15 21.63
C LEU B 286 15.62 4.21 22.42
N PRO B 287 15.27 4.58 23.66
CA PRO B 287 14.41 3.77 24.53
C PRO B 287 13.22 3.05 23.88
N TYR B 288 12.48 3.73 23.00
CA TYR B 288 11.32 3.09 22.38
C TYR B 288 11.64 1.88 21.52
N LEU B 289 12.90 1.76 21.10
CA LEU B 289 13.32 0.62 20.27
C LEU B 289 14.18 -0.38 21.04
N CYS B 290 14.30 -0.18 22.35
CA CYS B 290 15.12 -1.05 23.19
C CYS B 290 14.30 -2.16 23.87
N HIS B 291 14.72 -3.40 23.67
CA HIS B 291 14.05 -4.52 24.31
C HIS B 291 15.02 -5.67 24.45
N SER B 292 14.97 -6.35 25.60
CA SER B 292 15.87 -7.46 25.89
C SER B 292 15.39 -8.82 25.36
N GLN B 293 14.10 -8.94 25.12
CA GLN B 293 13.51 -10.17 24.62
C GLN B 293 14.21 -10.68 23.34
N PRO B 294 14.77 -11.89 23.37
CA PRO B 294 15.45 -12.42 22.18
C PRO B 294 14.41 -12.65 21.08
N TYR B 295 14.71 -12.18 19.88
CA TYR B 295 13.77 -12.31 18.77
C TYR B 295 14.51 -12.34 17.44
N THR B 296 15.66 -13.03 17.43
CA THR B 296 16.47 -13.19 16.24
C THR B 296 16.36 -14.69 15.97
N PHE B 297 16.23 -15.09 14.72
CA PHE B 297 16.05 -16.51 14.40
C PHE B 297 17.07 -17.14 13.47
N ASP B 298 17.43 -18.37 13.79
CA ASP B 298 18.38 -19.15 13.03
C ASP B 298 17.63 -19.90 11.91
N ILE B 299 17.54 -19.26 10.76
CA ILE B 299 16.83 -19.84 9.61
C ILE B 299 17.80 -19.86 8.44
N ASN B 300 18.11 -21.06 7.94
CA ASN B 300 19.02 -21.21 6.82
C ASN B 300 18.26 -20.99 5.53
N LEU B 301 18.77 -20.06 4.73
CA LEU B 301 18.17 -19.70 3.46
C LEU B 301 19.06 -20.08 2.28
N SER B 302 18.43 -20.57 1.20
CA SER B 302 19.14 -20.96 -0.01
C SER B 302 18.45 -20.41 -1.24
N VAL B 303 19.24 -19.92 -2.18
CA VAL B 303 18.71 -19.40 -3.44
C VAL B 303 19.36 -20.20 -4.56
N SER B 304 18.54 -20.78 -5.44
CA SER B 304 19.05 -21.53 -6.57
C SER B 304 18.54 -20.91 -7.86
N LEU B 305 19.33 -21.03 -8.91
CA LEU B 305 18.99 -20.48 -10.22
C LEU B 305 19.07 -21.58 -11.27
N LYS B 306 18.03 -21.69 -12.09
CA LYS B 306 18.00 -22.69 -13.14
C LYS B 306 17.66 -22.00 -14.47
N GLY B 307 18.63 -21.96 -15.38
CA GLY B 307 18.43 -21.35 -16.68
C GLY B 307 17.58 -22.23 -17.56
N GLU B 308 17.03 -21.68 -18.64
CA GLU B 308 16.17 -22.45 -19.53
C GLU B 308 16.87 -23.64 -20.20
N GLY B 309 18.19 -23.59 -20.30
CA GLY B 309 18.91 -24.69 -20.91
C GLY B 309 19.57 -25.63 -19.92
N MET B 310 19.52 -25.30 -18.64
CA MET B 310 20.15 -26.11 -17.60
C MET B 310 19.31 -27.29 -17.14
N SER B 311 19.99 -28.38 -16.80
CA SER B 311 19.32 -29.59 -16.34
C SER B 311 19.16 -29.61 -14.82
N GLN B 312 20.13 -29.01 -14.13
CA GLN B 312 20.11 -28.94 -12.68
C GLN B 312 20.25 -27.50 -12.22
N ALA B 313 19.62 -27.17 -11.10
CA ALA B 313 19.69 -25.81 -10.57
C ALA B 313 20.99 -25.63 -9.80
N ALA B 314 21.52 -24.42 -9.81
CA ALA B 314 22.75 -24.14 -9.11
C ALA B 314 22.47 -23.26 -7.90
N THR B 315 23.04 -23.61 -6.76
CA THR B 315 22.85 -22.82 -5.54
C THR B 315 23.81 -21.64 -5.65
N ILE B 316 23.25 -20.43 -5.70
CA ILE B 316 24.08 -19.22 -5.83
C ILE B 316 24.21 -18.41 -4.55
N CYS B 317 23.42 -18.75 -3.54
CA CYS B 317 23.46 -18.02 -2.28
C CYS B 317 22.98 -18.88 -1.13
N ARG B 318 23.73 -18.82 -0.03
CA ARG B 318 23.40 -19.54 1.20
C ARG B 318 23.56 -18.48 2.27
N SER B 319 22.45 -18.10 2.90
CA SER B 319 22.50 -17.07 3.93
C SER B 319 21.69 -17.51 5.15
N ASN B 320 21.47 -16.59 6.08
CA ASN B 320 20.74 -16.90 7.30
C ASN B 320 20.06 -15.63 7.81
N PHE B 321 18.83 -15.79 8.29
CA PHE B 321 18.03 -14.69 8.81
C PHE B 321 18.63 -14.02 10.06
N LYS B 322 19.51 -14.74 10.78
CA LYS B 322 20.10 -14.19 12.00
C LYS B 322 21.09 -13.05 11.74
N HIS B 323 21.31 -12.74 10.46
CA HIS B 323 22.22 -11.66 10.09
C HIS B 323 21.56 -10.29 10.06
N MET B 324 20.30 -10.20 10.46
CA MET B 324 19.61 -8.91 10.45
C MET B 324 20.00 -8.05 11.64
N TYR B 325 20.17 -6.76 11.39
CA TYR B 325 20.58 -5.82 12.44
C TYR B 325 19.42 -5.37 13.32
N TRP B 326 18.28 -5.09 12.68
CA TRP B 326 17.06 -4.66 13.38
C TRP B 326 16.12 -5.86 13.44
N THR B 327 15.52 -6.10 14.60
CA THR B 327 14.61 -7.23 14.77
C THR B 327 13.21 -6.87 14.29
N MET B 328 12.36 -7.88 14.14
CA MET B 328 10.98 -7.66 13.72
C MET B 328 10.22 -6.83 14.76
N LEU B 329 10.61 -6.97 16.03
CA LEU B 329 9.95 -6.22 17.10
C LEU B 329 10.25 -4.74 16.89
N GLN B 330 11.51 -4.43 16.61
CA GLN B 330 11.90 -3.03 16.39
C GLN B 330 11.24 -2.47 15.12
N GLN B 331 11.13 -3.31 14.09
CA GLN B 331 10.50 -2.90 12.83
C GLN B 331 9.02 -2.57 13.04
N LEU B 332 8.29 -3.45 13.73
CA LEU B 332 6.87 -3.24 13.98
C LEU B 332 6.64 -2.03 14.89
N THR B 333 7.44 -1.90 15.93
CA THR B 333 7.32 -0.78 16.88
C THR B 333 7.56 0.55 16.17
N HIS B 334 8.64 0.62 15.39
CA HIS B 334 8.98 1.83 14.66
C HIS B 334 7.88 2.16 13.64
N HIS B 335 7.34 1.13 12.99
CA HIS B 335 6.29 1.34 11.99
C HIS B 335 5.03 1.97 12.58
N SER B 336 4.76 1.75 13.88
CA SER B 336 3.56 2.33 14.49
C SER B 336 3.82 3.49 15.45
N VAL B 337 5.08 3.86 15.64
CA VAL B 337 5.41 4.93 16.59
C VAL B 337 4.72 6.28 16.33
N ASN B 338 4.41 6.58 15.07
CA ASN B 338 3.74 7.83 14.72
C ASN B 338 2.21 7.68 14.79
N GLY B 339 1.75 6.50 15.21
CA GLY B 339 0.32 6.26 15.29
C GLY B 339 -0.25 5.55 14.07
N CYS B 340 0.59 5.24 13.09
CA CYS B 340 0.14 4.54 11.89
C CYS B 340 -0.53 3.23 12.32
N ASN B 341 -1.71 2.96 11.76
CA ASN B 341 -2.48 1.76 12.09
C ASN B 341 -2.19 0.51 11.26
N LEU B 342 -1.52 -0.45 11.89
CA LEU B 342 -1.21 -1.73 11.25
C LEU B 342 -2.48 -2.57 11.33
N ARG B 343 -2.79 -3.30 10.27
CA ARG B 343 -4.00 -4.12 10.22
C ARG B 343 -3.70 -5.59 9.95
N PRO B 344 -4.60 -6.50 10.35
CA PRO B 344 -4.39 -7.93 10.12
C PRO B 344 -4.15 -8.22 8.64
N GLY B 345 -3.12 -9.00 8.34
CA GLY B 345 -2.82 -9.33 6.96
C GLY B 345 -1.76 -8.43 6.34
N ASP B 346 -1.39 -7.35 7.02
CA ASP B 346 -0.34 -6.46 6.50
C ASP B 346 0.96 -7.28 6.46
N LEU B 347 1.83 -6.93 5.52
CA LEU B 347 3.10 -7.63 5.35
C LEU B 347 4.30 -6.71 5.54
N LEU B 348 5.21 -7.09 6.43
CA LEU B 348 6.42 -6.30 6.67
C LEU B 348 7.60 -7.19 6.31
N ALA B 349 8.39 -6.76 5.32
CA ALA B 349 9.55 -7.51 4.86
C ALA B 349 10.84 -7.01 5.52
N SER B 350 11.73 -7.95 5.76
CA SER B 350 13.00 -7.69 6.43
C SER B 350 14.02 -6.78 5.73
N GLY B 351 14.09 -6.90 4.41
CA GLY B 351 15.07 -6.20 3.62
C GLY B 351 15.92 -7.33 3.08
N THR B 352 16.73 -7.08 2.05
CA THR B 352 17.56 -8.12 1.47
C THR B 352 18.54 -8.66 2.53
N ILE B 353 18.60 -9.97 2.66
CA ILE B 353 19.44 -10.62 3.64
C ILE B 353 20.84 -10.97 3.14
N SER B 354 21.85 -10.30 3.67
CA SER B 354 23.22 -10.57 3.28
C SER B 354 24.07 -10.79 4.51
N GLY B 355 24.92 -11.81 4.45
CA GLY B 355 25.84 -12.09 5.53
C GLY B 355 27.17 -11.44 5.18
N SER B 356 28.23 -11.78 5.90
CA SER B 356 29.56 -11.21 5.64
C SER B 356 30.30 -11.95 4.52
N ASP B 357 30.09 -13.25 4.47
CA ASP B 357 30.73 -14.07 3.46
C ASP B 357 30.11 -13.76 2.09
N PRO B 358 30.93 -13.61 1.04
CA PRO B 358 30.41 -13.30 -0.30
C PRO B 358 29.37 -14.29 -0.82
N GLU B 359 29.43 -15.52 -0.33
CA GLU B 359 28.48 -16.56 -0.74
C GLU B 359 27.12 -16.37 -0.08
N SER B 360 27.02 -15.42 0.84
CA SER B 360 25.76 -15.16 1.55
C SER B 360 25.07 -13.85 1.17
N PHE B 361 25.52 -13.21 0.08
CA PHE B 361 24.92 -11.96 -0.37
C PHE B 361 23.56 -12.26 -0.98
N GLY B 362 22.53 -11.51 -0.57
CA GLY B 362 21.18 -11.77 -1.03
C GLY B 362 20.65 -11.24 -2.35
N SER B 363 21.52 -10.77 -3.23
CA SER B 363 21.10 -10.25 -4.53
C SER B 363 22.23 -10.43 -5.54
N MET B 364 21.88 -10.57 -6.82
CA MET B 364 22.87 -10.74 -7.87
C MET B 364 23.65 -9.46 -8.06
N LEU B 365 23.09 -8.33 -7.62
CA LEU B 365 23.80 -7.05 -7.70
C LEU B 365 25.06 -7.20 -6.84
N GLU B 366 24.91 -7.82 -5.67
CA GLU B 366 26.02 -8.03 -4.75
C GLU B 366 26.87 -9.23 -5.17
N LEU B 367 26.24 -10.32 -5.55
CA LEU B 367 26.96 -11.54 -5.96
C LEU B 367 27.87 -11.29 -7.17
N SER B 368 27.42 -10.48 -8.12
CA SER B 368 28.21 -10.19 -9.30
C SER B 368 28.93 -8.86 -9.10
N TRP B 369 28.75 -8.26 -7.93
CA TRP B 369 29.33 -6.96 -7.59
C TRP B 369 29.14 -5.93 -8.72
N LYS B 370 27.89 -5.57 -8.95
CA LYS B 370 27.51 -4.60 -9.97
C LYS B 370 27.97 -5.04 -11.36
N GLY B 371 27.84 -6.34 -11.62
CA GLY B 371 28.21 -6.89 -12.92
C GLY B 371 29.68 -7.00 -13.25
N THR B 372 30.56 -6.74 -12.29
CA THR B 372 31.99 -6.84 -12.56
C THR B 372 32.52 -8.27 -12.43
N LYS B 373 31.83 -9.09 -11.62
CA LYS B 373 32.23 -10.48 -11.43
C LYS B 373 31.15 -11.42 -11.93
N ALA B 374 31.55 -12.41 -12.70
CA ALA B 374 30.60 -13.37 -13.23
C ALA B 374 30.29 -14.41 -12.15
N ILE B 375 29.01 -14.76 -12.04
CA ILE B 375 28.57 -15.76 -11.08
C ILE B 375 28.56 -17.08 -11.84
N ASP B 376 29.36 -18.03 -11.37
CA ASP B 376 29.43 -19.34 -12.00
C ASP B 376 28.17 -20.11 -11.67
N VAL B 377 27.40 -20.47 -12.69
CA VAL B 377 26.16 -21.20 -12.49
C VAL B 377 26.32 -22.68 -12.91
N GLY B 378 27.57 -23.10 -13.10
CA GLY B 378 27.83 -24.47 -13.48
C GLY B 378 27.70 -24.71 -14.96
N GLN B 379 28.16 -25.88 -15.41
CA GLN B 379 28.12 -26.29 -16.81
C GLN B 379 28.44 -25.19 -17.82
N GLY B 380 29.58 -24.53 -17.59
CA GLY B 380 30.05 -23.48 -18.49
C GLY B 380 29.23 -22.22 -18.59
N GLN B 381 28.20 -22.07 -17.75
CA GLN B 381 27.38 -20.87 -17.80
C GLN B 381 27.69 -19.93 -16.63
N THR B 382 27.45 -18.65 -16.86
CA THR B 382 27.68 -17.63 -15.85
C THR B 382 26.53 -16.62 -15.92
N ARG B 383 26.47 -15.73 -14.94
CA ARG B 383 25.44 -14.71 -14.88
C ARG B 383 25.95 -13.49 -14.15
N THR B 384 25.37 -12.35 -14.46
CA THR B 384 25.66 -11.10 -13.75
C THR B 384 24.26 -10.78 -13.22
N PHE B 385 23.28 -10.72 -14.13
CA PHE B 385 21.89 -10.47 -13.79
C PHE B 385 20.99 -11.54 -14.42
N LEU B 386 19.70 -11.47 -14.14
CA LEU B 386 18.77 -12.47 -14.67
C LEU B 386 18.50 -12.40 -16.17
N LEU B 387 18.41 -13.56 -16.79
CA LEU B 387 18.13 -13.65 -18.22
C LEU B 387 16.73 -14.21 -18.36
N ASP B 388 16.13 -13.99 -19.52
CA ASP B 388 14.78 -14.51 -19.77
C ASP B 388 14.84 -16.03 -19.67
N GLY B 389 13.81 -16.62 -19.08
CA GLY B 389 13.76 -18.07 -18.92
C GLY B 389 14.34 -18.54 -17.59
N ASP B 390 15.11 -17.69 -16.93
CA ASP B 390 15.72 -18.05 -15.65
C ASP B 390 14.68 -18.26 -14.55
N GLU B 391 14.87 -19.30 -13.74
CA GLU B 391 13.97 -19.57 -12.64
C GLU B 391 14.76 -19.45 -11.33
N VAL B 392 14.24 -18.63 -10.41
CA VAL B 392 14.87 -18.43 -9.10
C VAL B 392 14.00 -19.13 -8.05
N ILE B 393 14.63 -20.01 -7.26
CA ILE B 393 13.91 -20.74 -6.22
C ILE B 393 14.55 -20.50 -4.87
N ILE B 394 13.75 -19.99 -3.94
CA ILE B 394 14.23 -19.71 -2.59
C ILE B 394 13.59 -20.70 -1.62
N THR B 395 14.41 -21.25 -0.72
CA THR B 395 13.94 -22.19 0.30
C THR B 395 14.58 -21.82 1.64
N GLY B 396 13.99 -22.28 2.73
CA GLY B 396 14.53 -21.97 4.05
C GLY B 396 14.18 -23.07 5.03
N HIS B 397 15.09 -23.38 5.96
CA HIS B 397 14.84 -24.42 6.95
C HIS B 397 15.49 -24.11 8.27
N CYS B 398 14.88 -24.62 9.34
CA CYS B 398 15.38 -24.51 10.69
C CYS B 398 15.66 -25.98 11.04
N GLN B 399 16.86 -26.25 11.51
CA GLN B 399 17.26 -27.61 11.86
C GLN B 399 17.17 -27.86 13.36
N GLY B 400 16.27 -28.74 13.77
CA GLY B 400 16.12 -29.06 15.17
C GLY B 400 16.66 -30.45 15.46
N ASP B 401 16.48 -30.92 16.69
CA ASP B 401 16.93 -32.26 17.08
C ASP B 401 16.02 -33.32 16.48
N GLY B 402 16.38 -33.82 15.30
CA GLY B 402 15.60 -34.85 14.65
C GLY B 402 14.43 -34.43 13.77
N TYR B 403 14.39 -33.16 13.41
CA TYR B 403 13.30 -32.65 12.57
C TYR B 403 13.69 -31.30 11.99
N ARG B 404 12.93 -30.86 10.99
CA ARG B 404 13.18 -29.58 10.35
C ARG B 404 11.89 -28.82 10.16
N VAL B 405 11.98 -27.50 10.25
CA VAL B 405 10.83 -26.65 10.04
C VAL B 405 11.17 -25.90 8.74
N GLY B 406 10.45 -26.24 7.67
CA GLY B 406 10.68 -25.62 6.39
C GLY B 406 9.57 -24.69 5.92
N PHE B 407 9.82 -23.96 4.85
CA PHE B 407 8.85 -23.00 4.32
C PHE B 407 8.26 -23.36 2.95
N GLY B 408 8.59 -24.53 2.42
CA GLY B 408 8.11 -24.88 1.09
C GLY B 408 9.01 -24.08 0.16
N GLN B 409 8.48 -23.58 -0.95
CA GLN B 409 9.34 -22.79 -1.83
C GLN B 409 8.75 -21.47 -2.31
N CYS B 410 9.65 -20.58 -2.71
CA CYS B 410 9.32 -19.27 -3.21
C CYS B 410 10.00 -19.20 -4.58
N ALA B 411 9.26 -19.58 -5.61
CA ALA B 411 9.77 -19.62 -6.98
C ALA B 411 9.09 -18.68 -7.97
N GLY B 412 9.81 -18.40 -9.06
CA GLY B 412 9.31 -17.54 -10.12
C GLY B 412 10.20 -17.65 -11.33
N LYS B 413 9.59 -17.66 -12.52
CA LYS B 413 10.35 -17.74 -13.77
C LYS B 413 10.24 -16.40 -14.49
N VAL B 414 11.34 -15.93 -15.06
CA VAL B 414 11.34 -14.66 -15.79
C VAL B 414 10.85 -14.84 -17.23
N LEU B 415 9.87 -14.03 -17.63
CA LEU B 415 9.34 -14.07 -18.99
C LEU B 415 9.90 -12.88 -19.77
N PRO B 416 10.03 -13.02 -21.10
CA PRO B 416 10.56 -11.94 -21.94
C PRO B 416 9.67 -10.70 -21.87
N ALA B 417 10.25 -9.52 -22.08
CA ALA B 417 9.48 -8.28 -22.05
C ALA B 417 8.54 -8.28 -23.27
N LEU B 418 7.61 -7.33 -23.31
CA LEU B 418 6.67 -7.24 -24.43
C LEU B 418 7.28 -6.55 -25.65
N SER B 419 8.19 -5.71 -25.48
CA CA C . 2.04 14.73 -0.56
NI NI D . -19.23 25.18 -1.62
OXT FUM E . 13.77 16.27 -1.47
C FUM E . 12.63 16.52 -1.81
O FUM E . 12.29 16.81 -2.95
C4 FUM E . 11.60 16.49 -0.77
C5 FUM E . 10.32 16.75 -1.06
C6 FUM E . 9.32 16.71 0.02
O7 FUM E . 8.15 16.97 -0.26
O8 FUM E . 9.72 16.44 1.16
O1 AAE F . 4.14 16.99 -3.79
C2 AAE F . 3.88 16.09 -2.99
O3 AAE F . 2.93 16.16 -2.25
C4 AAE F . 4.79 14.85 -2.94
C5 AAE F . 5.23 14.45 -1.53
O8 AAE F . 4.41 14.30 -0.64
C9 AAE F . 6.71 14.20 -1.23
CA CA G . 13.76 -5.21 -1.12
NI NI H . 25.24 8.81 14.31
NI NI I . 12.85 -28.60 2.24
NI NI J . 3.12 -11.98 25.93
NI NI K . 10.00 -35.95 22.13
OXT FUM L . 20.80 4.34 -2.03
C FUM L . 20.55 3.24 -1.58
O FUM L . 20.83 2.88 -0.44
C4 FUM L . 19.86 2.29 -2.47
C5 FUM L . 19.54 1.05 -2.02
C6 FUM L . 18.87 0.10 -2.91
O7 FUM L . 18.61 -1.00 -2.46
O8 FUM L . 18.60 0.44 -4.05
O1 AAE M . 17.11 -4.20 1.57
C2 AAE M . 16.13 -4.05 0.87
O3 AAE M . 15.61 -4.97 0.29
C4 AAE M . 15.53 -2.63 0.73
C5 AAE M . 15.09 -2.25 -0.69
O8 AAE M . 14.48 -3.04 -1.38
C9 AAE M . 15.43 -0.85 -1.23
#